data_6UG9
#
_entry.id   6UG9
#
_cell.length_a   169.952
_cell.length_b   169.952
_cell.length_c   95.435
_cell.angle_alpha   90.000
_cell.angle_beta   90.000
_cell.angle_gamma   120.000
#
_symmetry.space_group_name_H-M   'P 64'
#
loop_
_entity.id
_entity.type
_entity.pdbx_description
1 polymer 'ch28/11 Fab light chain'
2 polymer 'ch28/11 Fab heavy chain'
3 branched 'N-acetyl-alpha-neuraminic acid-(2-3)-beta-D-galactopyranose-(1-3)-2-acetamido-2-deoxy-beta-D-galactopyranose-(1-3)-alpha-D-galactopyranose-(1-4)-beta-D-galactopyranose-(1-4)-beta-D-glucopyranose'
4 water water
#
loop_
_entity_poly.entity_id
_entity_poly.type
_entity_poly.pdbx_seq_one_letter_code
_entity_poly.pdbx_strand_id
1 'polypeptide(L)'
;ENVLTQSPAIMSASPGEKVTMTCSASSSVNYMHWYQQKSSTSPKLWIYDTSKLASGVPGRFSGSGSGNSYSLTIRTMEAE
DVATYFCFQASGYPLTFGGGTKLELKRTVAAPSVFIFPPSDEQLKSGTASVVCLLNNFYPREAKVQWKVDNALQSGNSQE
SVTEQDSKDSTYSLSSTLTLSKADYEKHKVYACEVTHQGLSSPVTKSFNRGEC
;
L,B,K
2 'polypeptide(L)'
;QVQLKESGPGLVAPSQSLSITCTVSGFSLNSYGVSWVRQPPGKGLEWLGVIWGDGSTNYHSALMSRLRISKDNSKRQVFL
KLNSLQTDDTATYYCTKPGSGYAFAYWGQGTLVTVSSASTKGPSVFPLAPSSKSTSGGTAALGCLVKDYFPEPVTVSWNS
GALTSGVHTFPAVLQSSGLYSLSSVVTVPSSSLGTQTYICNVNHKPSNTKVDKKVEPA
;
H,A,J
#
# COMPACT_ATOMS: atom_id res chain seq x y z
N GLU A 1 18.28 -17.49 1.99
CA GLU A 1 17.70 -18.84 1.86
C GLU A 1 18.80 -19.82 2.18
N ASN A 2 18.55 -20.73 3.10
CA ASN A 2 19.55 -21.69 3.45
C ASN A 2 19.52 -22.85 2.46
N VAL A 3 20.41 -22.77 1.47
CA VAL A 3 20.49 -23.75 0.37
C VAL A 3 21.20 -24.97 0.89
N LEU A 4 20.54 -26.12 0.70
CA LEU A 4 21.08 -27.40 1.15
C LEU A 4 21.53 -28.24 -0.06
N THR A 5 22.84 -28.39 -0.17
CA THR A 5 23.46 -29.21 -1.20
C THR A 5 23.80 -30.61 -0.64
N GLN A 6 23.30 -31.65 -1.31
CA GLN A 6 23.53 -33.05 -0.92
C GLN A 6 24.52 -33.75 -1.85
N SER A 7 25.46 -34.50 -1.25
CA SER A 7 26.48 -35.26 -1.98
C SER A 7 26.42 -36.73 -1.63
N PRO A 8 26.43 -37.60 -2.64
CA PRO A 8 26.31 -37.26 -4.07
C PRO A 8 24.84 -37.21 -4.47
N ALA A 9 24.54 -36.85 -5.72
CA ALA A 9 23.15 -36.94 -6.23
C ALA A 9 22.65 -38.38 -6.35
N ILE A 10 23.57 -39.28 -6.73
CA ILE A 10 23.23 -40.65 -7.12
C ILE A 10 24.36 -41.59 -6.71
N MET A 11 24.03 -42.66 -6.03
CA MET A 11 25.05 -43.62 -5.60
C MET A 11 24.43 -44.97 -5.38
N SER A 12 25.30 -45.97 -5.44
CA SER A 12 24.89 -47.35 -5.38
C SER A 12 25.69 -48.07 -4.29
N ALA A 13 25.13 -49.18 -3.78
CA ALA A 13 25.79 -49.95 -2.74
C ALA A 13 25.31 -51.41 -2.69
N SER A 14 26.25 -52.36 -2.58
CA SER A 14 25.91 -53.78 -2.45
C SER A 14 25.36 -54.02 -1.08
N PRO A 15 24.56 -55.07 -0.91
CA PRO A 15 24.11 -55.39 0.44
C PRO A 15 25.29 -55.58 1.40
N GLY A 16 25.14 -55.10 2.64
CA GLY A 16 26.23 -55.13 3.62
C GLY A 16 27.30 -54.03 3.55
N GLU A 17 27.35 -53.23 2.49
CA GLU A 17 28.27 -52.08 2.44
C GLU A 17 27.75 -50.97 3.38
N LYS A 18 28.69 -50.27 4.02
CA LYS A 18 28.38 -49.07 4.75
C LYS A 18 28.23 -47.92 3.72
N VAL A 19 27.18 -47.12 3.90
CA VAL A 19 27.00 -45.91 3.11
C VAL A 19 26.89 -44.65 3.96
N THR A 20 27.41 -43.57 3.38
CA THR A 20 27.45 -42.25 3.97
C THR A 20 27.13 -41.22 2.88
N MET A 21 26.00 -40.53 3.04
CA MET A 21 25.70 -39.36 2.23
C MET A 21 25.77 -38.11 3.10
N THR A 22 26.03 -36.97 2.49
CA THR A 22 26.18 -35.71 3.23
C THR A 22 25.24 -34.62 2.75
N CYS A 23 25.01 -33.69 3.66
CA CYS A 23 24.25 -32.51 3.44
C CYS A 23 25.15 -31.40 3.93
N SER A 24 25.22 -30.35 3.13
CA SER A 24 26.14 -29.25 3.37
C SER A 24 25.32 -27.94 3.23
N ALA A 25 25.23 -27.18 4.31
CA ALA A 25 24.31 -26.05 4.38
C ALA A 25 25.04 -24.74 4.20
N SER A 26 24.49 -23.83 3.40
CA SER A 26 25.09 -22.51 3.18
C SER A 26 25.15 -21.63 4.44
N SER A 27 24.16 -21.72 5.32
CA SER A 27 24.20 -21.05 6.65
C SER A 27 24.18 -22.11 7.74
N SER A 28 24.93 -21.86 8.79
CA SER A 28 25.02 -22.76 9.89
C SER A 28 23.61 -22.94 10.49
N VAL A 29 23.28 -24.19 10.76
CA VAL A 29 22.14 -24.55 11.57
C VAL A 29 22.64 -25.43 12.67
N ASN A 30 21.77 -25.63 13.67
CA ASN A 30 22.06 -26.48 14.84
C ASN A 30 21.38 -27.87 14.84
N TYR A 31 20.40 -28.09 13.95
CA TYR A 31 19.63 -29.34 13.87
C TYR A 31 19.27 -29.63 12.39
N MET A 32 19.58 -30.85 11.94
CA MET A 32 19.25 -31.29 10.57
C MET A 32 18.33 -32.50 10.58
N HIS A 33 17.40 -32.53 9.65
CA HIS A 33 16.40 -33.58 9.55
C HIS A 33 16.57 -34.29 8.23
N TRP A 34 16.08 -35.52 8.16
CA TRP A 34 16.20 -36.33 6.94
C TRP A 34 14.89 -37.02 6.63
N TYR A 35 14.43 -36.97 5.38
CA TYR A 35 13.35 -37.85 4.94
C TYR A 35 13.83 -38.94 3.95
N GLN A 36 13.10 -40.05 3.95
CA GLN A 36 13.20 -41.13 2.96
C GLN A 36 11.93 -41.14 2.09
N GLN A 37 12.13 -41.27 0.78
CA GLN A 37 11.04 -41.32 -0.20
C GLN A 37 11.24 -42.46 -1.17
N LYS A 38 10.19 -43.25 -1.34
CA LYS A 38 10.21 -44.34 -2.31
C LYS A 38 9.25 -44.11 -3.48
N SER A 39 9.82 -43.89 -4.66
CA SER A 39 9.11 -43.99 -5.94
C SER A 39 7.81 -43.20 -6.00
N SER A 40 7.97 -41.88 -5.95
CA SER A 40 6.86 -40.91 -6.05
C SER A 40 5.81 -40.84 -4.90
N THR A 41 5.73 -41.83 -3.99
CA THR A 41 4.84 -41.70 -2.81
C THR A 41 5.39 -40.73 -1.72
N SER A 42 4.60 -40.51 -0.67
CA SER A 42 4.89 -39.50 0.33
C SER A 42 6.19 -39.76 1.05
N PRO A 43 7.02 -38.72 1.28
CA PRO A 43 8.18 -38.86 2.14
C PRO A 43 7.77 -39.31 3.53
N LYS A 44 8.62 -40.13 4.16
CA LYS A 44 8.52 -40.49 5.56
C LYS A 44 9.61 -39.74 6.29
N LEU A 45 9.28 -39.23 7.48
CA LEU A 45 10.30 -38.68 8.37
C LEU A 45 11.23 -39.82 8.75
N TRP A 46 12.54 -39.58 8.70
CA TRP A 46 13.51 -40.67 8.95
C TRP A 46 14.43 -40.39 10.12
N ILE A 47 15.03 -39.20 10.13
CA ILE A 47 15.86 -38.73 11.23
C ILE A 47 15.49 -37.27 11.53
N TYR A 48 15.35 -36.94 12.80
CA TYR A 48 15.15 -35.55 13.25
C TYR A 48 16.11 -35.23 14.38
N ASP A 49 16.26 -33.93 14.66
CA ASP A 49 17.34 -33.36 15.46
C ASP A 49 18.66 -34.05 15.24
N THR A 50 19.11 -34.05 13.98
CA THR A 50 20.45 -34.54 13.57
C THR A 50 20.68 -36.04 13.70
N SER A 51 20.24 -36.64 14.80
CA SER A 51 20.56 -38.03 15.07
C SER A 51 19.50 -38.84 15.80
N LYS A 52 18.29 -38.35 16.00
CA LYS A 52 17.25 -39.16 16.66
C LYS A 52 16.49 -39.95 15.57
N LEU A 53 16.30 -41.25 15.74
CA LEU A 53 15.56 -42.04 14.75
C LEU A 53 14.08 -41.81 14.95
N ALA A 54 13.34 -41.67 13.86
CA ALA A 54 11.88 -41.52 13.92
C ALA A 54 11.27 -42.88 14.23
N SER A 55 9.96 -42.89 14.44
CA SER A 55 9.23 -44.15 14.66
C SER A 55 9.35 -45.05 13.43
N GLY A 56 9.77 -46.30 13.63
CA GLY A 56 9.84 -47.30 12.56
C GLY A 56 11.21 -47.52 11.91
N VAL A 57 12.20 -46.70 12.23
CA VAL A 57 13.44 -46.70 11.49
C VAL A 57 14.43 -47.68 12.11
N PRO A 58 14.94 -48.64 11.33
CA PRO A 58 15.87 -49.60 11.91
C PRO A 58 17.15 -49.00 12.48
N GLY A 59 17.77 -49.74 13.41
CA GLY A 59 18.99 -49.29 14.08
C GLY A 59 20.20 -49.12 13.17
N ARG A 60 20.21 -49.77 12.01
CA ARG A 60 21.32 -49.59 11.08
C ARG A 60 21.48 -48.14 10.58
N PHE A 61 20.44 -47.31 10.72
CA PHE A 61 20.49 -45.90 10.31
C PHE A 61 20.98 -45.02 11.45
N SER A 62 21.84 -44.07 11.15
CA SER A 62 22.14 -43.01 12.08
C SER A 62 22.45 -41.72 11.34
N GLY A 63 22.41 -40.62 12.12
CA GLY A 63 22.74 -39.30 11.65
C GLY A 63 23.73 -38.59 12.54
N SER A 64 24.34 -37.53 12.02
CA SER A 64 25.37 -36.79 12.76
C SER A 64 25.72 -35.47 12.06
N GLY A 65 26.51 -34.64 12.76
CA GLY A 65 26.96 -33.37 12.20
C GLY A 65 26.71 -32.18 13.10
N SER A 66 27.18 -31.04 12.60
CA SER A 66 27.05 -29.77 13.27
C SER A 66 27.19 -28.64 12.24
N GLY A 67 26.66 -27.47 12.59
CA GLY A 67 27.01 -26.24 11.89
C GLY A 67 26.65 -26.28 10.42
N ASN A 68 27.65 -26.50 9.58
CA ASN A 68 27.48 -26.42 8.12
C ASN A 68 27.34 -27.78 7.43
N SER A 69 27.53 -28.86 8.17
CA SER A 69 27.92 -30.13 7.55
C SER A 69 27.36 -31.36 8.29
N TYR A 70 26.32 -31.96 7.72
CA TYR A 70 25.64 -33.11 8.30
C TYR A 70 25.74 -34.38 7.43
N SER A 71 25.28 -35.50 7.97
CA SER A 71 25.32 -36.73 7.24
C SER A 71 24.35 -37.73 7.79
N LEU A 72 23.90 -38.61 6.91
CA LEU A 72 23.15 -39.79 7.23
C LEU A 72 24.05 -40.94 6.88
N THR A 73 24.01 -41.96 7.72
CA THR A 73 24.82 -43.15 7.53
C THR A 73 23.97 -44.40 7.72
N ILE A 74 24.23 -45.41 6.89
CA ILE A 74 23.64 -46.76 7.05
C ILE A 74 24.79 -47.71 7.36
N ARG A 75 24.65 -48.49 8.45
CA ARG A 75 25.72 -49.37 8.91
C ARG A 75 25.98 -50.38 7.82
N THR A 76 24.91 -51.03 7.39
CA THR A 76 25.00 -52.09 6.39
C THR A 76 23.81 -51.92 5.50
N MET A 77 24.07 -51.65 4.22
CA MET A 77 23.03 -51.45 3.21
C MET A 77 22.17 -52.69 3.05
N GLU A 78 20.87 -52.50 3.01
CA GLU A 78 19.91 -53.58 2.79
C GLU A 78 19.03 -53.23 1.61
N ALA A 79 18.35 -54.24 1.06
CA ALA A 79 17.55 -54.05 -0.17
C ALA A 79 16.41 -53.06 0.01
N GLU A 80 15.74 -53.08 1.15
CA GLU A 80 14.64 -52.15 1.44
C GLU A 80 15.07 -50.71 1.80
N ASP A 81 16.37 -50.42 1.74
CA ASP A 81 16.90 -49.05 1.90
C ASP A 81 17.03 -48.28 0.58
N VAL A 82 16.63 -48.87 -0.54
CA VAL A 82 16.57 -48.17 -1.82
C VAL A 82 15.48 -47.09 -1.79
N ALA A 83 15.93 -45.84 -1.87
CA ALA A 83 15.07 -44.67 -1.81
C ALA A 83 15.85 -43.42 -2.20
N THR A 84 15.18 -42.29 -2.22
CA THR A 84 15.87 -41.02 -2.28
C THR A 84 15.77 -40.43 -0.89
N TYR A 85 16.87 -39.85 -0.39
CA TYR A 85 16.92 -39.31 0.98
C TYR A 85 17.11 -37.83 0.90
N PHE A 86 16.20 -37.06 1.50
CA PHE A 86 16.28 -35.61 1.54
C PHE A 86 16.66 -35.05 2.91
N CYS A 87 17.60 -34.11 2.93
CA CYS A 87 17.86 -33.35 4.16
C CYS A 87 16.93 -32.14 4.21
N PHE A 88 16.74 -31.61 5.41
CA PHE A 88 15.76 -30.56 5.66
C PHE A 88 16.12 -29.75 6.91
N GLN A 89 16.04 -28.44 6.81
CA GLN A 89 16.22 -27.52 7.94
C GLN A 89 14.94 -26.75 8.22
N ALA A 90 14.65 -26.60 9.50
CA ALA A 90 13.49 -25.85 9.99
C ALA A 90 13.97 -24.91 11.08
N SER A 91 15.22 -24.48 10.94
CA SER A 91 15.89 -23.58 11.86
C SER A 91 15.67 -22.11 11.51
N GLY A 92 15.47 -21.81 10.22
CA GLY A 92 15.02 -20.49 9.78
C GLY A 92 14.13 -20.52 8.54
N TYR A 93 13.36 -19.45 8.31
CA TYR A 93 12.55 -19.36 7.08
C TYR A 93 13.34 -18.77 5.85
N PRO A 94 13.12 -19.29 4.64
CA PRO A 94 12.17 -20.37 4.37
C PRO A 94 12.74 -21.71 4.78
N LEU A 95 11.84 -22.64 5.07
CA LEU A 95 12.22 -24.01 5.37
C LEU A 95 12.66 -24.60 4.03
N THR A 96 13.75 -25.37 4.07
CA THR A 96 14.37 -25.84 2.83
C THR A 96 14.85 -27.28 2.89
N PHE A 97 14.76 -27.90 1.72
CA PHE A 97 15.15 -29.26 1.49
C PHE A 97 16.42 -29.29 0.64
N GLY A 98 17.17 -30.39 0.76
CA GLY A 98 18.20 -30.72 -0.21
C GLY A 98 17.60 -31.21 -1.51
N GLY A 99 18.47 -31.38 -2.50
CA GLY A 99 18.07 -31.93 -3.79
C GLY A 99 17.90 -33.45 -3.74
N GLY A 100 18.30 -34.06 -2.63
CA GLY A 100 18.10 -35.50 -2.41
C GLY A 100 19.33 -36.27 -2.83
N THR A 101 19.54 -37.41 -2.18
CA THR A 101 20.58 -38.38 -2.58
C THR A 101 19.84 -39.68 -2.92
N LYS A 102 19.94 -40.09 -4.18
CA LYS A 102 19.29 -41.32 -4.64
C LYS A 102 20.16 -42.58 -4.40
N LEU A 103 19.60 -43.53 -3.66
CA LEU A 103 20.33 -44.68 -3.24
C LEU A 103 19.79 -45.90 -3.93
N GLU A 104 20.64 -46.56 -4.71
CA GLU A 104 20.25 -47.77 -5.46
C GLU A 104 21.22 -48.90 -5.15
N LEU A 105 20.80 -50.10 -5.49
CA LEU A 105 21.50 -51.33 -5.11
C LEU A 105 22.51 -51.72 -6.20
N LYS A 106 23.70 -52.15 -5.79
CA LYS A 106 24.66 -52.73 -6.70
C LYS A 106 24.30 -54.19 -7.01
N ARG A 107 24.68 -54.61 -8.21
CA ARG A 107 24.60 -55.99 -8.63
C ARG A 107 25.53 -56.14 -9.84
N THR A 108 25.57 -57.34 -10.41
CA THR A 108 26.48 -57.65 -11.50
C THR A 108 25.98 -57.15 -12.85
N VAL A 109 26.88 -57.13 -13.84
CA VAL A 109 26.52 -56.66 -15.18
C VAL A 109 25.50 -57.64 -15.72
N ALA A 110 24.56 -57.13 -16.51
CA ALA A 110 23.52 -57.92 -17.15
C ALA A 110 23.16 -57.29 -18.49
N ALA A 111 23.20 -58.07 -19.58
CA ALA A 111 22.95 -57.52 -20.90
C ALA A 111 21.45 -57.58 -21.06
N PRO A 112 20.89 -56.69 -21.91
CA PRO A 112 19.45 -56.62 -22.15
C PRO A 112 19.03 -57.65 -23.13
N SER A 113 17.81 -58.12 -23.00
CA SER A 113 17.14 -58.86 -24.05
C SER A 113 16.43 -57.82 -24.90
N VAL A 114 16.55 -57.92 -26.22
CA VAL A 114 15.99 -56.89 -27.10
C VAL A 114 14.84 -57.39 -27.98
N PHE A 115 13.68 -56.76 -27.85
CA PHE A 115 12.49 -57.01 -28.62
C PHE A 115 12.09 -55.75 -29.40
N ILE A 116 11.43 -55.94 -30.53
CA ILE A 116 10.98 -54.84 -31.39
C ILE A 116 9.56 -55.10 -31.85
N PHE A 117 8.73 -54.07 -31.81
CA PHE A 117 7.32 -54.22 -32.12
C PHE A 117 6.97 -53.35 -33.30
N PRO A 118 6.42 -53.95 -34.38
CA PRO A 118 5.88 -53.09 -35.45
C PRO A 118 4.66 -52.34 -34.94
N PRO A 119 4.17 -51.32 -35.67
CA PRO A 119 3.00 -50.65 -35.17
C PRO A 119 1.80 -51.54 -35.41
N SER A 120 0.81 -51.40 -34.55
CA SER A 120 -0.42 -52.16 -34.71
C SER A 120 -1.13 -51.74 -35.99
N ASP A 121 -1.95 -52.66 -36.52
CA ASP A 121 -2.86 -52.36 -37.63
C ASP A 121 -3.94 -51.42 -37.11
N GLU A 122 -4.28 -51.55 -35.83
CA GLU A 122 -5.19 -50.60 -35.14
C GLU A 122 -4.72 -49.15 -35.22
N GLN A 123 -3.44 -48.91 -34.96
CA GLN A 123 -2.90 -47.54 -34.98
C GLN A 123 -2.74 -46.97 -36.40
N LEU A 124 -2.48 -47.86 -37.35
CA LEU A 124 -2.22 -47.43 -38.71
C LEU A 124 -3.48 -46.87 -39.38
N LYS A 125 -4.63 -47.48 -39.09
CA LYS A 125 -5.93 -46.96 -39.53
C LYS A 125 -6.11 -45.48 -39.12
N SER A 126 -5.67 -45.15 -37.90
CA SER A 126 -5.75 -43.77 -37.39
C SER A 126 -4.73 -42.77 -37.96
N GLY A 127 -3.76 -43.20 -38.77
CA GLY A 127 -2.84 -42.26 -39.43
C GLY A 127 -1.46 -42.00 -38.82
N THR A 128 -1.15 -42.56 -37.65
CA THR A 128 0.24 -42.57 -37.10
C THR A 128 0.84 -44.00 -36.93
N ALA A 129 2.17 -44.07 -36.83
CA ALA A 129 2.91 -45.35 -36.66
C ALA A 129 4.01 -45.23 -35.59
N SER A 130 3.85 -45.97 -34.51
CA SER A 130 4.81 -45.97 -33.43
C SER A 130 5.50 -47.33 -33.41
N VAL A 131 6.82 -47.30 -33.49
CA VAL A 131 7.64 -48.49 -33.49
C VAL A 131 8.36 -48.51 -32.15
N VAL A 132 8.23 -49.62 -31.41
CA VAL A 132 8.73 -49.73 -30.03
C VAL A 132 9.88 -50.75 -29.93
N CYS A 133 11.00 -50.31 -29.38
CA CYS A 133 12.09 -51.19 -29.00
C CYS A 133 12.09 -51.37 -27.47
N LEU A 134 12.04 -52.62 -27.01
CA LEU A 134 12.11 -52.94 -25.60
C LEU A 134 13.49 -53.49 -25.27
N LEU A 135 14.19 -52.90 -24.29
CA LEU A 135 15.45 -53.45 -23.72
C LEU A 135 15.13 -53.91 -22.31
N ASN A 136 15.27 -55.20 -22.05
CA ASN A 136 14.70 -55.79 -20.83
C ASN A 136 15.77 -56.38 -19.90
N ASN A 137 15.74 -55.97 -18.64
CA ASN A 137 16.52 -56.56 -17.50
C ASN A 137 18.03 -56.45 -17.63
N PHE A 138 18.49 -55.21 -17.70
CA PHE A 138 19.90 -54.91 -17.87
C PHE A 138 20.42 -54.11 -16.67
N TYR A 139 21.73 -54.11 -16.51
CA TYR A 139 22.40 -53.34 -15.45
C TYR A 139 23.82 -53.15 -15.96
N PRO A 140 24.42 -51.98 -15.79
CA PRO A 140 23.85 -50.77 -15.20
C PRO A 140 22.90 -49.97 -16.13
N ARG A 141 22.49 -48.78 -15.68
CA ARG A 141 21.49 -47.99 -16.36
C ARG A 141 21.82 -47.59 -17.81
N GLU A 142 23.07 -47.29 -18.13
CA GLU A 142 23.37 -46.54 -19.37
C GLU A 142 23.27 -47.40 -20.60
N ALA A 143 22.54 -46.93 -21.61
CA ALA A 143 22.25 -47.77 -22.78
C ALA A 143 21.90 -46.91 -23.95
N LYS A 144 22.62 -47.09 -25.05
CA LYS A 144 22.37 -46.34 -26.29
C LYS A 144 21.50 -47.16 -27.23
N VAL A 145 20.39 -46.58 -27.63
CA VAL A 145 19.51 -47.15 -28.64
C VAL A 145 19.47 -46.16 -29.77
N GLN A 146 19.82 -46.58 -30.99
CA GLN A 146 19.51 -45.78 -32.17
C GLN A 146 18.80 -46.58 -33.24
N TRP A 147 18.04 -45.86 -34.08
CA TRP A 147 17.14 -46.47 -35.06
C TRP A 147 17.64 -46.38 -36.49
N LYS A 148 17.29 -47.38 -37.30
CA LYS A 148 17.61 -47.41 -38.71
C LYS A 148 16.39 -47.81 -39.52
N VAL A 149 16.04 -46.96 -40.49
CA VAL A 149 14.97 -47.24 -41.42
C VAL A 149 15.63 -47.37 -42.80
N ASP A 150 15.53 -48.56 -43.42
CA ASP A 150 16.27 -48.89 -44.68
C ASP A 150 17.75 -48.51 -44.53
N ASN A 151 18.33 -48.84 -43.39
CA ASN A 151 19.70 -48.46 -43.03
C ASN A 151 20.03 -46.94 -42.93
N ALA A 152 19.04 -46.06 -43.05
CA ALA A 152 19.28 -44.63 -42.79
C ALA A 152 19.09 -44.34 -41.31
N LEU A 153 20.11 -43.75 -40.69
CA LEU A 153 20.07 -43.42 -39.27
C LEU A 153 18.98 -42.39 -39.01
N GLN A 154 18.16 -42.63 -37.99
CA GLN A 154 17.16 -41.65 -37.56
C GLN A 154 17.76 -40.74 -36.49
N SER A 155 17.14 -39.59 -36.28
CA SER A 155 17.64 -38.55 -35.35
C SER A 155 16.47 -37.72 -34.85
N GLY A 156 16.42 -37.50 -33.53
CA GLY A 156 15.30 -36.81 -32.87
C GLY A 156 13.86 -37.10 -33.31
N ASN A 157 13.57 -38.32 -33.76
CA ASN A 157 12.16 -38.76 -33.99
C ASN A 157 11.84 -40.00 -33.11
N SER A 158 12.59 -40.17 -32.02
CA SER A 158 12.35 -41.19 -31.00
C SER A 158 12.61 -40.69 -29.60
N GLN A 159 11.92 -41.30 -28.63
CA GLN A 159 12.14 -41.04 -27.21
C GLN A 159 12.31 -42.32 -26.39
N GLU A 160 13.01 -42.16 -25.26
CA GLU A 160 13.29 -43.23 -24.32
C GLU A 160 12.50 -43.04 -23.04
N SER A 161 12.20 -44.14 -22.37
CA SER A 161 11.66 -44.13 -21.04
C SER A 161 12.34 -45.27 -20.27
N VAL A 162 12.49 -45.13 -18.95
CA VAL A 162 13.31 -46.09 -18.16
C VAL A 162 12.64 -46.47 -16.88
N THR A 163 12.62 -47.76 -16.53
CA THR A 163 12.10 -48.16 -15.19
C THR A 163 13.02 -47.75 -14.06
N GLU A 164 12.42 -47.56 -12.90
CA GLU A 164 13.19 -47.58 -11.68
C GLU A 164 13.75 -48.99 -11.52
N GLN A 165 14.88 -49.05 -10.83
CA GLN A 165 15.55 -50.30 -10.49
C GLN A 165 14.54 -51.31 -10.00
N ASP A 166 14.55 -52.49 -10.59
CA ASP A 166 13.52 -53.48 -10.30
C ASP A 166 13.79 -54.04 -8.91
N SER A 167 12.73 -54.28 -8.14
CA SER A 167 12.91 -54.64 -6.73
C SER A 167 13.11 -56.12 -6.44
N LYS A 168 12.88 -57.00 -7.42
CA LYS A 168 13.23 -58.42 -7.31
C LYS A 168 14.72 -58.56 -7.65
N ASP A 169 15.10 -58.29 -8.90
CA ASP A 169 16.49 -58.53 -9.40
C ASP A 169 17.41 -57.30 -9.62
N SER A 170 16.98 -56.11 -9.18
CA SER A 170 17.82 -54.90 -9.18
C SER A 170 18.27 -54.37 -10.59
N THR A 171 17.51 -54.72 -11.64
CA THR A 171 17.81 -54.33 -13.00
C THR A 171 16.88 -53.23 -13.47
N TYR A 172 17.22 -52.70 -14.65
CA TYR A 172 16.45 -51.68 -15.35
C TYR A 172 15.84 -52.28 -16.61
N SER A 173 14.83 -51.58 -17.13
CA SER A 173 14.30 -51.82 -18.45
C SER A 173 14.09 -50.47 -19.21
N LEU A 174 14.11 -50.49 -20.55
CA LEU A 174 14.02 -49.29 -21.38
C LEU A 174 13.10 -49.46 -22.58
N SER A 175 12.29 -48.47 -22.87
CA SER A 175 11.42 -48.54 -24.03
C SER A 175 11.85 -47.38 -24.90
N SER A 176 12.07 -47.63 -26.20
CA SER A 176 12.33 -46.55 -27.16
C SER A 176 11.23 -46.55 -28.19
N THR A 177 10.70 -45.37 -28.48
CA THR A 177 9.57 -45.26 -29.38
C THR A 177 9.94 -44.33 -30.50
N LEU A 178 10.10 -44.90 -31.70
CA LEU A 178 10.29 -44.16 -32.94
C LEU A 178 8.96 -43.75 -33.56
N THR A 179 8.71 -42.45 -33.66
CA THR A 179 7.45 -41.95 -34.22
C THR A 179 7.58 -41.51 -35.69
N LEU A 180 6.63 -41.95 -36.51
CA LEU A 180 6.56 -41.63 -37.93
C LEU A 180 5.14 -41.34 -38.34
N SER A 181 4.97 -40.77 -39.52
CA SER A 181 3.64 -40.55 -40.06
C SER A 181 3.29 -41.84 -40.76
N LYS A 182 2.00 -42.14 -40.88
CA LYS A 182 1.57 -43.36 -41.60
C LYS A 182 2.21 -43.47 -42.98
N ALA A 183 2.19 -42.37 -43.73
CA ALA A 183 2.72 -42.35 -45.11
C ALA A 183 4.20 -42.69 -45.15
N ASP A 184 4.96 -42.09 -44.24
CA ASP A 184 6.42 -42.21 -44.23
C ASP A 184 6.87 -43.64 -43.85
N TYR A 185 6.19 -44.20 -42.85
CA TYR A 185 6.33 -45.62 -42.50
C TYR A 185 6.09 -46.57 -43.68
N GLU A 186 5.04 -46.29 -44.44
CA GLU A 186 4.60 -47.14 -45.54
C GLU A 186 5.50 -47.05 -46.80
N LYS A 187 6.46 -46.14 -46.84
CA LYS A 187 7.40 -46.10 -47.96
C LYS A 187 8.80 -46.64 -47.65
N HIS A 188 8.94 -47.50 -46.63
CA HIS A 188 10.22 -48.17 -46.35
C HIS A 188 9.97 -49.58 -45.88
N LYS A 189 11.05 -50.38 -45.81
CA LYS A 189 10.93 -51.82 -45.55
C LYS A 189 11.53 -52.30 -44.22
N VAL A 190 12.83 -52.03 -44.01
CA VAL A 190 13.58 -52.60 -42.87
C VAL A 190 13.73 -51.58 -41.73
N TYR A 191 12.99 -51.86 -40.65
CA TYR A 191 13.06 -51.06 -39.42
C TYR A 191 13.94 -51.81 -38.45
N ALA A 192 14.95 -51.12 -37.92
CA ALA A 192 15.98 -51.76 -37.10
C ALA A 192 16.29 -50.93 -35.87
N CYS A 193 16.63 -51.66 -34.81
CA CYS A 193 16.91 -51.12 -33.53
C CYS A 193 18.28 -51.66 -33.10
N GLU A 194 19.25 -50.79 -32.93
CA GLU A 194 20.60 -51.19 -32.57
C GLU A 194 20.81 -50.72 -31.16
N VAL A 195 21.05 -51.68 -30.24
CA VAL A 195 21.33 -51.35 -28.85
C VAL A 195 22.76 -51.69 -28.53
N THR A 196 23.39 -50.72 -27.84
CA THR A 196 24.75 -50.79 -27.33
C THR A 196 24.68 -50.72 -25.81
N HIS A 197 25.51 -51.51 -25.14
CA HIS A 197 25.45 -51.64 -23.69
C HIS A 197 26.67 -52.43 -23.22
N GLN A 198 27.19 -52.04 -22.08
CA GLN A 198 28.46 -52.55 -21.53
C GLN A 198 28.51 -54.10 -21.32
N GLY A 199 27.38 -54.70 -20.96
CA GLY A 199 27.21 -56.15 -20.90
C GLY A 199 27.27 -56.89 -22.22
N LEU A 200 27.20 -56.18 -23.34
CA LEU A 200 27.35 -56.77 -24.66
C LEU A 200 28.75 -56.49 -25.16
N SER A 201 29.44 -57.53 -25.61
CA SER A 201 30.72 -57.39 -26.32
C SER A 201 30.56 -56.71 -27.69
N SER A 202 29.40 -56.89 -28.31
CA SER A 202 29.10 -56.28 -29.59
C SER A 202 27.63 -55.89 -29.61
N PRO A 203 27.30 -54.73 -30.21
CA PRO A 203 25.94 -54.23 -30.14
C PRO A 203 24.98 -55.14 -30.83
N VAL A 204 23.75 -55.23 -30.31
CA VAL A 204 22.75 -56.19 -30.77
C VAL A 204 21.77 -55.41 -31.61
N THR A 205 21.33 -56.02 -32.73
CA THR A 205 20.39 -55.41 -33.65
C THR A 205 19.15 -56.28 -33.71
N LYS A 206 17.97 -55.67 -33.67
CA LYS A 206 16.71 -56.36 -33.97
C LYS A 206 15.98 -55.58 -35.04
N SER A 207 15.36 -56.29 -35.99
CA SER A 207 14.65 -55.68 -37.12
C SER A 207 13.46 -56.48 -37.60
N PHE A 208 12.64 -55.85 -38.43
CA PHE A 208 11.56 -56.54 -39.11
C PHE A 208 11.42 -55.93 -40.49
N ASN A 209 10.80 -56.71 -41.38
CA ASN A 209 10.39 -56.28 -42.73
C ASN A 209 8.91 -56.02 -42.72
N ARG A 210 8.51 -54.87 -43.26
CA ARG A 210 7.19 -54.32 -42.99
C ARG A 210 5.99 -55.29 -43.17
N GLY A 211 5.91 -56.02 -44.27
CA GLY A 211 4.81 -56.97 -44.47
C GLY A 211 4.80 -58.14 -43.50
N GLN B 1 -4.22 -42.08 15.91
CA GLN B 1 -3.98 -42.26 14.46
C GLN B 1 -4.14 -40.87 13.77
N VAL B 2 -3.02 -40.15 13.72
CA VAL B 2 -2.92 -38.92 12.97
C VAL B 2 -3.03 -39.23 11.47
N GLN B 3 -3.99 -38.60 10.80
CA GLN B 3 -4.13 -38.76 9.36
C GLN B 3 -4.40 -37.40 8.70
N LEU B 4 -3.82 -37.20 7.52
CA LEU B 4 -4.16 -36.08 6.65
C LEU B 4 -4.53 -36.57 5.26
N LYS B 5 -5.39 -35.82 4.59
CA LYS B 5 -5.78 -36.14 3.22
C LYS B 5 -6.19 -34.86 2.46
N GLU B 6 -5.52 -34.65 1.32
CA GLU B 6 -5.71 -33.49 0.47
C GLU B 6 -6.85 -33.79 -0.51
N SER B 7 -7.64 -32.79 -0.87
CA SER B 7 -8.38 -32.88 -2.14
C SER B 7 -8.48 -31.56 -2.90
N GLY B 8 -8.05 -31.61 -4.16
CA GLY B 8 -8.06 -30.44 -5.03
C GLY B 8 -8.45 -30.80 -6.45
N PRO B 9 -8.36 -29.83 -7.35
CA PRO B 9 -8.92 -30.00 -8.71
C PRO B 9 -8.22 -30.98 -9.68
N GLY B 10 -6.91 -31.17 -9.58
CA GLY B 10 -6.19 -31.99 -10.59
C GLY B 10 -5.69 -31.26 -11.83
N LEU B 11 -6.48 -30.36 -12.39
CA LEU B 11 -6.10 -29.59 -13.57
C LEU B 11 -6.77 -28.19 -13.52
N VAL B 12 -5.98 -27.12 -13.51
CA VAL B 12 -6.50 -25.75 -13.47
C VAL B 12 -5.79 -24.86 -14.48
N ALA B 13 -6.43 -23.78 -14.91
CA ALA B 13 -5.83 -22.95 -15.97
C ALA B 13 -4.87 -21.95 -15.38
N PRO B 14 -3.81 -21.59 -16.12
CA PRO B 14 -2.98 -20.50 -15.61
C PRO B 14 -3.78 -19.22 -15.40
N SER B 15 -3.34 -18.43 -14.44
CA SER B 15 -4.03 -17.22 -13.94
C SER B 15 -5.32 -17.46 -13.11
N GLN B 16 -6.02 -18.62 -13.24
CA GLN B 16 -7.03 -19.04 -12.22
C GLN B 16 -6.31 -19.27 -10.91
N SER B 17 -7.02 -19.82 -9.94
CA SER B 17 -6.44 -20.14 -8.68
C SER B 17 -6.67 -21.59 -8.27
N LEU B 18 -5.66 -22.15 -7.62
CA LEU B 18 -5.70 -23.49 -7.09
C LEU B 18 -6.28 -23.42 -5.70
N SER B 19 -7.33 -24.21 -5.45
CA SER B 19 -7.88 -24.43 -4.09
C SER B 19 -7.73 -25.89 -3.62
N ILE B 20 -6.99 -26.13 -2.54
CA ILE B 20 -6.85 -27.48 -1.97
C ILE B 20 -7.28 -27.52 -0.51
N THR B 21 -8.14 -28.47 -0.17
CA THR B 21 -8.54 -28.72 1.20
C THR B 21 -7.76 -29.90 1.75
N CYS B 22 -7.19 -29.75 2.93
CA CYS B 22 -6.60 -30.84 3.68
C CYS B 22 -7.60 -31.16 4.79
N THR B 23 -8.04 -32.42 4.87
CA THR B 23 -8.99 -32.86 5.90
C THR B 23 -8.25 -33.78 6.88
N VAL B 24 -8.14 -33.36 8.13
CA VAL B 24 -7.32 -34.06 9.09
C VAL B 24 -8.18 -34.77 10.12
N SER B 25 -7.52 -35.59 10.92
CA SER B 25 -8.12 -36.26 12.06
C SER B 25 -7.01 -36.81 12.95
N GLY B 26 -7.34 -36.94 14.24
CA GLY B 26 -6.47 -37.56 15.23
C GLY B 26 -5.58 -36.57 15.92
N PHE B 27 -5.86 -35.29 15.70
CA PHE B 27 -5.22 -34.19 16.40
C PHE B 27 -6.06 -32.97 16.21
N SER B 28 -5.89 -31.98 17.09
CA SER B 28 -6.69 -30.74 17.04
C SER B 28 -5.92 -29.58 16.40
N LEU B 29 -6.54 -28.97 15.40
CA LEU B 29 -5.99 -27.81 14.72
C LEU B 29 -5.82 -26.58 15.63
N ASN B 30 -6.57 -26.50 16.74
CA ASN B 30 -6.44 -25.37 17.70
C ASN B 30 -5.08 -25.34 18.34
N SER B 31 -4.47 -26.52 18.47
CA SER B 31 -3.19 -26.71 19.16
C SER B 31 -1.98 -27.00 18.25
N TYR B 32 -2.19 -27.24 16.96
CA TYR B 32 -1.17 -27.79 16.07
C TYR B 32 -1.09 -27.17 14.68
N GLY B 33 0.15 -26.99 14.23
CA GLY B 33 0.41 -26.42 12.94
C GLY B 33 0.27 -27.46 11.83
N VAL B 34 -0.18 -27.00 10.66
CA VAL B 34 -0.17 -27.79 9.45
C VAL B 34 0.62 -27.02 8.40
N SER B 35 1.59 -27.71 7.78
CA SER B 35 2.43 -27.17 6.73
C SER B 35 2.00 -27.74 5.41
N TRP B 36 2.51 -27.13 4.35
CA TRP B 36 2.21 -27.53 2.99
C TRP B 36 3.51 -27.60 2.20
N VAL B 37 3.69 -28.68 1.47
CA VAL B 37 4.92 -28.92 0.73
C VAL B 37 4.43 -29.28 -0.67
N ARG B 38 5.25 -29.02 -1.69
CA ARG B 38 5.00 -29.51 -3.04
C ARG B 38 6.25 -30.10 -3.72
N GLN B 39 5.98 -31.01 -4.65
CA GLN B 39 7.01 -31.72 -5.44
C GLN B 39 6.69 -31.59 -6.94
N PRO B 40 7.39 -30.70 -7.67
CA PRO B 40 7.22 -30.68 -9.14
C PRO B 40 7.53 -32.05 -9.77
N PRO B 41 6.92 -32.37 -10.93
CA PRO B 41 7.08 -33.75 -11.43
C PRO B 41 8.57 -34.10 -11.71
N GLY B 42 9.02 -35.23 -11.19
CA GLY B 42 10.41 -35.63 -11.26
C GLY B 42 11.45 -34.71 -10.64
N LYS B 43 11.07 -33.81 -9.73
CA LYS B 43 12.05 -33.00 -8.98
C LYS B 43 11.84 -33.22 -7.45
N GLY B 44 12.65 -32.56 -6.63
CA GLY B 44 12.56 -32.61 -5.19
C GLY B 44 11.48 -31.76 -4.56
N LEU B 45 11.66 -31.41 -3.29
CA LEU B 45 10.57 -30.94 -2.45
C LEU B 45 10.71 -29.46 -2.12
N GLU B 46 9.60 -28.73 -2.12
CA GLU B 46 9.61 -27.31 -1.80
C GLU B 46 8.56 -27.03 -0.75
N TRP B 47 8.96 -26.41 0.35
CA TRP B 47 8.03 -25.93 1.37
C TRP B 47 7.29 -24.68 0.96
N LEU B 48 5.99 -24.61 1.29
CA LEU B 48 5.12 -23.52 0.84
C LEU B 48 4.69 -22.59 1.95
N GLY B 49 4.19 -23.16 3.03
CA GLY B 49 3.72 -22.36 4.14
C GLY B 49 3.22 -23.18 5.30
N VAL B 50 2.82 -22.49 6.35
CA VAL B 50 2.32 -23.12 7.55
C VAL B 50 1.23 -22.27 8.16
N ILE B 51 0.22 -22.89 8.74
CA ILE B 51 -0.72 -22.21 9.63
C ILE B 51 -0.65 -22.87 10.99
N TRP B 52 -0.25 -22.10 11.99
CA TRP B 52 -0.04 -22.65 13.32
C TRP B 52 -1.38 -22.72 14.11
N GLY B 53 -1.35 -23.41 15.25
CA GLY B 53 -2.48 -23.44 16.19
C GLY B 53 -3.18 -22.10 16.44
N ASP B 54 -2.39 -21.08 16.76
CA ASP B 54 -2.90 -19.71 17.00
C ASP B 54 -3.51 -18.96 15.78
N GLY B 55 -3.55 -19.57 14.59
CA GLY B 55 -4.11 -18.91 13.40
C GLY B 55 -3.10 -18.16 12.53
N SER B 56 -1.88 -18.00 13.02
CA SER B 56 -0.84 -17.24 12.31
C SER B 56 -0.18 -18.09 11.24
N THR B 57 0.50 -17.40 10.32
CA THR B 57 0.98 -17.98 9.10
C THR B 57 2.35 -17.46 8.69
N ASN B 58 3.20 -18.42 8.28
CA ASN B 58 4.49 -18.17 7.64
C ASN B 58 4.49 -18.82 6.26
N TYR B 59 4.69 -17.98 5.24
CA TYR B 59 4.79 -18.36 3.85
C TYR B 59 6.24 -18.27 3.36
N HIS B 60 6.54 -19.10 2.35
CA HIS B 60 7.77 -19.06 1.60
C HIS B 60 7.84 -17.75 0.85
N SER B 61 8.97 -17.03 0.94
CA SER B 61 9.08 -15.64 0.41
C SER B 61 8.94 -15.44 -1.11
N ALA B 62 9.39 -16.41 -1.90
CA ALA B 62 9.04 -16.51 -3.36
C ALA B 62 7.52 -16.44 -3.70
N LEU B 63 6.67 -16.77 -2.72
CA LEU B 63 5.22 -16.85 -2.90
C LEU B 63 4.38 -15.99 -1.89
N MET B 64 4.97 -15.43 -0.81
CA MET B 64 4.20 -14.64 0.19
C MET B 64 3.61 -13.42 -0.50
N SER B 65 2.41 -13.55 -1.08
CA SER B 65 1.88 -12.57 -2.06
C SER B 65 0.83 -13.21 -2.97
N ARG B 66 1.10 -14.44 -3.41
CA ARG B 66 0.13 -15.23 -4.21
C ARG B 66 -0.53 -16.37 -3.43
N LEU B 67 -0.14 -16.60 -2.18
CA LEU B 67 -0.56 -17.76 -1.39
C LEU B 67 -1.35 -17.35 -0.15
N ARG B 68 -2.43 -18.06 0.15
CA ARG B 68 -3.06 -17.93 1.49
C ARG B 68 -3.35 -19.30 2.05
N ILE B 69 -3.14 -19.41 3.35
CA ILE B 69 -3.50 -20.61 4.10
C ILE B 69 -4.48 -20.19 5.16
N SER B 70 -5.52 -20.99 5.33
CA SER B 70 -6.53 -20.71 6.32
C SER B 70 -7.08 -22.03 6.77
N LYS B 71 -7.95 -22.00 7.77
CA LYS B 71 -8.53 -23.22 8.34
C LYS B 71 -9.92 -22.96 8.94
N ASP B 72 -10.59 -24.05 9.30
CA ASP B 72 -11.82 -24.05 10.07
C ASP B 72 -11.59 -25.18 11.07
N ASN B 73 -11.34 -24.85 12.34
CA ASN B 73 -10.82 -25.84 13.31
C ASN B 73 -11.90 -26.88 13.59
N SER B 74 -13.15 -26.42 13.57
CA SER B 74 -14.33 -27.24 13.77
C SER B 74 -14.50 -28.27 12.68
N LYS B 75 -14.47 -27.82 11.43
CA LYS B 75 -14.60 -28.74 10.30
C LYS B 75 -13.37 -29.67 10.05
N ARG B 76 -12.28 -29.47 10.80
CA ARG B 76 -11.09 -30.31 10.74
C ARG B 76 -10.27 -30.05 9.45
N GLN B 77 -10.35 -28.84 8.90
CA GLN B 77 -9.88 -28.52 7.53
C GLN B 77 -8.84 -27.40 7.46
N VAL B 78 -7.78 -27.63 6.69
CA VAL B 78 -6.85 -26.58 6.33
C VAL B 78 -6.99 -26.28 4.84
N PHE B 79 -7.04 -25.00 4.50
CA PHE B 79 -7.22 -24.54 3.11
C PHE B 79 -5.98 -23.88 2.59
N LEU B 80 -5.64 -24.20 1.34
CA LEU B 80 -4.58 -23.55 0.60
C LEU B 80 -5.16 -22.90 -0.64
N LYS B 81 -4.89 -21.61 -0.82
CA LYS B 81 -5.28 -20.91 -2.05
C LYS B 81 -4.05 -20.28 -2.67
N LEU B 82 -3.77 -20.63 -3.92
CA LEU B 82 -2.64 -20.07 -4.66
C LEU B 82 -3.15 -19.45 -5.94
N ASN B 83 -2.93 -18.14 -6.10
CA ASN B 83 -3.42 -17.36 -7.24
C ASN B 83 -2.38 -17.18 -8.35
N SER B 84 -2.83 -16.63 -9.48
CA SER B 84 -1.94 -16.17 -10.55
C SER B 84 -1.05 -17.31 -10.95
N LEU B 85 -1.69 -18.45 -11.19
CA LEU B 85 -0.99 -19.71 -11.49
C LEU B 85 -0.07 -19.65 -12.70
N GLN B 86 1.08 -20.29 -12.56
CA GLN B 86 2.08 -20.36 -13.59
C GLN B 86 2.21 -21.83 -14.01
N THR B 87 2.86 -22.10 -15.13
CA THR B 87 3.09 -23.48 -15.54
C THR B 87 3.92 -24.27 -14.52
N ASP B 88 4.92 -23.64 -13.89
CA ASP B 88 5.76 -24.31 -12.88
C ASP B 88 5.12 -24.46 -11.47
N ASP B 89 3.83 -24.15 -11.34
CA ASP B 89 3.07 -24.54 -10.15
C ASP B 89 2.51 -25.96 -10.27
N THR B 90 2.69 -26.56 -11.45
CA THR B 90 2.45 -27.98 -11.69
C THR B 90 3.32 -28.78 -10.75
N ALA B 91 2.70 -29.71 -10.04
CA ALA B 91 3.31 -30.33 -8.88
C ALA B 91 2.29 -31.20 -8.16
N THR B 92 2.81 -32.13 -7.37
CA THR B 92 2.03 -32.86 -6.40
C THR B 92 2.06 -32.08 -5.09
N TYR B 93 0.90 -31.66 -4.60
CA TYR B 93 0.83 -30.94 -3.31
C TYR B 93 0.52 -31.90 -2.13
N TYR B 94 1.36 -31.87 -1.09
CA TYR B 94 1.04 -32.46 0.22
C TYR B 94 0.71 -31.45 1.34
N CYS B 95 -0.13 -31.86 2.29
CA CYS B 95 -0.14 -31.24 3.64
C CYS B 95 0.57 -32.14 4.67
N THR B 96 1.14 -31.51 5.69
CA THR B 96 1.92 -32.20 6.70
C THR B 96 1.69 -31.64 8.10
N LYS B 97 1.87 -32.48 9.10
CA LYS B 97 1.91 -32.03 10.48
C LYS B 97 3.36 -32.10 10.95
N PRO B 98 3.95 -30.95 11.34
CA PRO B 98 5.14 -30.92 12.18
C PRO B 98 4.92 -31.65 13.47
N GLY B 99 5.87 -32.48 13.87
CA GLY B 99 5.87 -33.11 15.19
C GLY B 99 7.31 -33.06 15.63
N SER B 100 7.94 -34.22 15.73
CA SER B 100 9.24 -34.29 16.33
C SER B 100 10.24 -33.35 15.62
N GLY B 101 10.90 -32.49 16.41
CA GLY B 101 11.89 -31.55 15.91
C GLY B 101 11.35 -30.47 14.98
N TYR B 102 10.03 -30.30 14.97
CA TYR B 102 9.32 -29.41 14.02
C TYR B 102 9.51 -29.80 12.53
N ALA B 103 9.96 -31.05 12.35
CA ALA B 103 10.09 -31.69 11.07
C ALA B 103 8.78 -32.42 10.78
N PHE B 104 8.53 -32.73 9.51
CA PHE B 104 7.21 -33.16 9.08
C PHE B 104 7.03 -34.66 9.31
N ALA B 105 6.28 -34.98 10.36
CA ALA B 105 6.16 -36.33 10.88
C ALA B 105 5.07 -37.09 10.19
N TYR B 106 4.02 -36.39 9.75
CA TYR B 106 2.87 -37.02 9.10
C TYR B 106 2.58 -36.33 7.77
N TRP B 107 2.28 -37.11 6.72
CA TRP B 107 1.99 -36.57 5.41
C TRP B 107 0.73 -37.17 4.82
N GLY B 108 -0.09 -36.38 4.13
CA GLY B 108 -1.10 -36.97 3.26
C GLY B 108 -0.48 -37.68 2.06
N GLN B 109 -1.28 -38.47 1.36
CA GLN B 109 -0.96 -39.04 0.03
C GLN B 109 -0.34 -38.07 -0.99
N GLY B 110 -0.96 -36.89 -1.11
CA GLY B 110 -0.66 -35.86 -2.12
C GLY B 110 -1.64 -35.81 -3.28
N THR B 111 -1.98 -34.62 -3.80
CA THR B 111 -2.74 -34.51 -5.09
C THR B 111 -1.92 -33.88 -6.20
N LEU B 112 -1.88 -34.56 -7.33
CA LEU B 112 -1.31 -34.02 -8.52
C LEU B 112 -2.18 -32.84 -8.98
N VAL B 113 -1.51 -31.74 -9.31
CA VAL B 113 -2.11 -30.55 -9.92
C VAL B 113 -1.35 -30.23 -11.21
N THR B 114 -2.05 -30.22 -12.32
CA THR B 114 -1.42 -29.85 -13.57
C THR B 114 -1.94 -28.49 -13.96
N VAL B 115 -1.03 -27.54 -14.19
CA VAL B 115 -1.42 -26.20 -14.62
C VAL B 115 -1.37 -26.03 -16.15
N SER B 116 -2.54 -26.11 -16.74
CA SER B 116 -2.70 -25.88 -18.16
C SER B 116 -4.11 -25.50 -18.58
N SER B 117 -4.14 -24.84 -19.71
CA SER B 117 -5.33 -24.24 -20.32
C SER B 117 -6.07 -25.23 -21.23
N ALA B 118 -5.39 -26.29 -21.62
CA ALA B 118 -5.92 -27.32 -22.52
C ALA B 118 -6.98 -28.21 -21.86
N SER B 119 -7.81 -28.81 -22.72
CA SER B 119 -8.82 -29.75 -22.28
C SER B 119 -8.30 -31.19 -22.17
N THR B 120 -8.94 -31.90 -21.26
CA THR B 120 -8.74 -33.31 -21.05
C THR B 120 -8.85 -34.11 -22.32
N LYS B 121 -8.14 -35.22 -22.37
CA LYS B 121 -8.06 -36.03 -23.56
C LYS B 121 -7.73 -37.44 -23.08
N GLY B 122 -8.60 -38.39 -23.42
CA GLY B 122 -8.39 -39.81 -23.08
C GLY B 122 -7.42 -40.45 -24.04
N PRO B 123 -6.72 -41.49 -23.61
CA PRO B 123 -5.73 -42.13 -24.47
C PRO B 123 -6.36 -43.07 -25.52
N SER B 124 -5.68 -43.28 -26.65
CA SER B 124 -5.85 -44.45 -27.47
C SER B 124 -4.95 -45.53 -26.85
N VAL B 125 -5.37 -46.79 -26.97
CA VAL B 125 -4.64 -47.94 -26.50
C VAL B 125 -4.34 -48.90 -27.64
N PHE B 126 -3.08 -49.16 -27.90
CA PHE B 126 -2.72 -50.07 -28.98
C PHE B 126 -1.91 -51.22 -28.42
N PRO B 127 -2.04 -52.44 -29.01
CA PRO B 127 -1.29 -53.58 -28.55
C PRO B 127 0.06 -53.65 -29.18
N LEU B 128 1.00 -54.20 -28.42
CA LEU B 128 2.33 -54.52 -28.88
C LEU B 128 2.32 -56.03 -28.87
N ALA B 129 2.12 -56.60 -30.04
CA ALA B 129 1.90 -58.02 -30.17
C ALA B 129 3.20 -58.83 -30.09
N PRO B 130 3.12 -60.08 -29.55
CA PRO B 130 4.28 -60.97 -29.58
C PRO B 130 4.66 -61.54 -30.96
N SER B 131 5.93 -61.87 -31.09
CA SER B 131 6.62 -62.20 -32.35
C SER B 131 6.11 -63.52 -32.96
N GLY B 138 11.76 -69.44 -25.78
CA GLY B 138 11.54 -69.58 -24.35
C GLY B 138 10.62 -68.48 -23.83
N THR B 139 11.05 -67.24 -24.04
CA THR B 139 10.35 -66.07 -23.52
C THR B 139 9.81 -65.20 -24.66
N ALA B 140 8.56 -64.75 -24.50
CA ALA B 140 7.95 -63.75 -25.39
C ALA B 140 7.55 -62.47 -24.64
N ALA B 141 7.76 -61.35 -25.32
CA ALA B 141 7.38 -60.06 -24.82
C ALA B 141 6.15 -59.55 -25.60
N LEU B 142 5.25 -58.93 -24.85
CA LEU B 142 4.03 -58.33 -25.35
C LEU B 142 3.70 -57.15 -24.44
N GLY B 143 2.84 -56.23 -24.93
CA GLY B 143 2.52 -55.03 -24.16
C GLY B 143 1.35 -54.22 -24.64
N CYS B 144 1.23 -53.03 -24.05
CA CYS B 144 0.22 -52.04 -24.44
C CYS B 144 0.94 -50.73 -24.63
N LEU B 145 0.64 -50.02 -25.72
CA LEU B 145 1.03 -48.62 -25.88
C LEU B 145 -0.17 -47.72 -25.54
N VAL B 146 0.05 -46.72 -24.68
CA VAL B 146 -1.01 -45.81 -24.28
C VAL B 146 -0.64 -44.41 -24.71
N LYS B 147 -1.21 -44.00 -25.85
CA LYS B 147 -0.87 -42.77 -26.58
C LYS B 147 -1.85 -41.60 -26.37
N ASP B 148 -1.33 -40.37 -26.30
CA ASP B 148 -2.08 -39.11 -26.51
C ASP B 148 -3.17 -38.82 -25.49
N TYR B 149 -2.80 -38.88 -24.22
CA TYR B 149 -3.67 -38.47 -23.10
C TYR B 149 -3.18 -37.21 -22.40
N PHE B 150 -4.09 -36.55 -21.71
CA PHE B 150 -3.78 -35.39 -20.92
C PHE B 150 -4.89 -35.19 -19.89
N PRO B 151 -4.61 -34.86 -18.63
CA PRO B 151 -3.28 -34.80 -18.00
C PRO B 151 -2.95 -36.16 -17.37
N GLU B 152 -1.88 -36.23 -16.62
CA GLU B 152 -1.55 -37.43 -15.87
C GLU B 152 -2.58 -37.65 -14.75
N PRO B 153 -2.70 -38.87 -14.21
CA PRO B 153 -1.96 -40.06 -14.59
C PRO B 153 -2.82 -41.06 -15.31
N VAL B 154 -2.19 -42.09 -15.88
CA VAL B 154 -2.90 -43.35 -16.16
C VAL B 154 -2.30 -44.44 -15.25
N THR B 155 -3.13 -45.41 -14.91
CA THR B 155 -2.70 -46.66 -14.28
C THR B 155 -2.89 -47.74 -15.32
N VAL B 156 -2.00 -48.73 -15.31
CA VAL B 156 -2.13 -49.94 -16.14
C VAL B 156 -2.02 -51.17 -15.24
N SER B 157 -2.80 -52.20 -15.53
CA SER B 157 -2.68 -53.50 -14.87
C SER B 157 -2.85 -54.59 -15.92
N TRP B 158 -2.48 -55.82 -15.59
CA TRP B 158 -2.71 -56.95 -16.51
C TRP B 158 -3.60 -58.00 -15.83
N ASN B 159 -4.52 -58.54 -16.64
CA ASN B 159 -5.60 -59.42 -16.17
C ASN B 159 -6.21 -59.03 -14.81
N SER B 160 -6.48 -57.75 -14.68
CA SER B 160 -7.20 -57.17 -13.55
C SER B 160 -6.44 -57.32 -12.24
N GLY B 161 -5.11 -57.25 -12.30
CA GLY B 161 -4.25 -57.34 -11.09
C GLY B 161 -3.68 -58.72 -10.85
N ALA B 162 -4.12 -59.70 -11.63
CA ALA B 162 -3.71 -61.12 -11.50
C ALA B 162 -2.34 -61.42 -12.09
N LEU B 163 -1.73 -60.47 -12.81
CA LEU B 163 -0.45 -60.69 -13.49
C LEU B 163 0.50 -59.55 -13.18
N THR B 164 1.46 -59.82 -12.29
CA THR B 164 2.42 -58.82 -11.85
C THR B 164 3.83 -59.29 -12.12
N SER B 165 4.09 -60.56 -11.85
CA SER B 165 5.34 -61.16 -12.31
C SER B 165 5.73 -60.79 -13.77
N GLY B 166 6.77 -59.99 -13.89
CA GLY B 166 7.40 -59.72 -15.20
C GLY B 166 6.94 -58.46 -15.91
N VAL B 167 6.05 -57.71 -15.26
CA VAL B 167 5.46 -56.49 -15.81
C VAL B 167 6.35 -55.27 -15.58
N HIS B 168 6.68 -54.56 -16.65
CA HIS B 168 7.29 -53.27 -16.55
C HIS B 168 6.38 -52.19 -17.17
N THR B 169 5.90 -51.27 -16.33
CA THR B 169 5.11 -50.13 -16.78
C THR B 169 5.99 -48.90 -16.77
N PHE B 170 6.18 -48.27 -17.90
CA PHE B 170 7.20 -47.25 -18.03
C PHE B 170 6.67 -45.92 -17.51
N PRO B 171 7.57 -45.02 -17.11
CA PRO B 171 7.03 -43.73 -16.75
C PRO B 171 6.63 -43.04 -18.04
N ALA B 172 5.70 -42.10 -17.91
CA ALA B 172 5.10 -41.46 -19.04
C ALA B 172 6.11 -40.50 -19.59
N VAL B 173 6.08 -40.37 -20.91
CA VAL B 173 6.97 -39.50 -21.66
C VAL B 173 6.08 -38.39 -22.28
N LEU B 174 6.64 -37.20 -22.45
CA LEU B 174 5.91 -36.05 -22.98
C LEU B 174 6.19 -36.03 -24.47
N GLN B 175 5.15 -35.97 -25.30
CA GLN B 175 5.33 -35.91 -26.76
C GLN B 175 5.37 -34.46 -27.28
N SER B 176 5.68 -34.31 -28.55
CA SER B 176 5.69 -33.00 -29.19
C SER B 176 4.33 -32.35 -29.26
N SER B 177 3.30 -33.18 -29.37
CA SER B 177 1.92 -32.71 -29.21
C SER B 177 1.65 -31.99 -27.86
N GLY B 178 2.46 -32.26 -26.84
CA GLY B 178 2.18 -31.77 -25.51
C GLY B 178 1.33 -32.76 -24.75
N LEU B 179 1.07 -33.90 -25.38
CA LEU B 179 0.33 -35.00 -24.78
C LEU B 179 1.27 -36.12 -24.25
N TYR B 180 0.80 -36.87 -23.27
CA TYR B 180 1.57 -37.99 -22.75
C TYR B 180 1.33 -39.29 -23.50
N SER B 181 2.28 -40.18 -23.33
CA SER B 181 2.35 -41.48 -23.92
C SER B 181 3.11 -42.37 -22.94
N LEU B 182 2.82 -43.67 -22.96
CA LEU B 182 3.33 -44.61 -21.94
C LEU B 182 3.11 -46.04 -22.36
N SER B 183 4.08 -46.90 -22.10
CA SER B 183 3.99 -48.32 -22.42
C SER B 183 4.03 -49.17 -21.15
N SER B 184 3.34 -50.30 -21.21
CA SER B 184 3.44 -51.33 -20.21
C SER B 184 3.75 -52.61 -20.96
N VAL B 185 4.76 -53.35 -20.50
CA VAL B 185 5.10 -54.61 -21.12
C VAL B 185 5.20 -55.69 -20.08
N VAL B 186 5.14 -56.92 -20.55
CA VAL B 186 5.22 -58.08 -19.71
C VAL B 186 5.87 -59.17 -20.54
N THR B 187 6.71 -59.96 -19.88
CA THR B 187 7.32 -61.11 -20.54
C THR B 187 6.64 -62.33 -19.99
N VAL B 188 6.24 -63.23 -20.89
CA VAL B 188 5.68 -64.52 -20.51
C VAL B 188 6.36 -65.64 -21.29
N PRO B 189 6.09 -66.90 -20.91
CA PRO B 189 6.71 -67.96 -21.70
C PRO B 189 5.99 -68.07 -23.03
N SER B 190 6.74 -68.37 -24.07
CA SER B 190 6.20 -68.48 -25.42
C SER B 190 5.22 -69.64 -25.58
N SER B 191 5.44 -70.69 -24.81
CA SER B 191 4.51 -71.80 -24.68
C SER B 191 3.08 -71.40 -24.28
N SER B 192 2.94 -70.37 -23.44
CA SER B 192 1.63 -69.88 -22.92
C SER B 192 0.82 -69.04 -23.89
N LEU B 193 1.39 -68.69 -25.04
CA LEU B 193 0.68 -67.83 -26.04
C LEU B 193 -0.60 -68.49 -26.57
N GLY B 194 -0.54 -69.78 -26.93
CA GLY B 194 -1.72 -70.57 -27.31
C GLY B 194 -2.84 -70.58 -26.26
N THR B 195 -2.54 -71.05 -25.07
CA THR B 195 -3.58 -71.24 -24.05
C THR B 195 -4.01 -69.97 -23.32
N GLN B 196 -3.05 -69.12 -22.90
CA GLN B 196 -3.35 -68.00 -21.94
C GLN B 196 -3.84 -66.72 -22.61
N THR B 197 -4.51 -65.90 -21.80
CA THR B 197 -5.20 -64.69 -22.28
C THR B 197 -4.69 -63.45 -21.53
N TYR B 198 -4.05 -62.55 -22.29
CA TYR B 198 -3.49 -61.30 -21.75
C TYR B 198 -4.31 -60.08 -22.11
N ILE B 199 -4.98 -59.53 -21.09
CA ILE B 199 -5.73 -58.26 -21.21
C ILE B 199 -4.95 -57.19 -20.44
N CYS B 200 -4.86 -55.98 -20.99
CA CYS B 200 -4.32 -54.89 -20.24
C CYS B 200 -5.38 -53.86 -19.91
N ASN B 201 -5.33 -53.38 -18.67
CA ASN B 201 -6.42 -52.65 -18.01
C ASN B 201 -5.99 -51.22 -17.74
N VAL B 202 -6.43 -50.32 -18.62
CA VAL B 202 -5.92 -48.96 -18.66
C VAL B 202 -7.00 -48.05 -18.13
N ASN B 203 -6.70 -47.28 -17.10
CA ASN B 203 -7.69 -46.40 -16.53
C ASN B 203 -7.17 -44.95 -16.54
N HIS B 204 -7.92 -44.04 -17.16
CA HIS B 204 -7.62 -42.59 -17.13
C HIS B 204 -8.71 -41.87 -16.39
N LYS B 205 -8.55 -41.71 -15.09
CA LYS B 205 -9.62 -41.14 -14.27
C LYS B 205 -10.02 -39.71 -14.74
N PRO B 206 -9.05 -38.86 -15.13
CA PRO B 206 -9.48 -37.51 -15.50
C PRO B 206 -10.44 -37.40 -16.71
N SER B 207 -10.33 -38.27 -17.71
CA SER B 207 -11.31 -38.30 -18.82
C SER B 207 -12.37 -39.36 -18.66
N ASN B 208 -12.32 -40.09 -17.54
CA ASN B 208 -13.24 -41.18 -17.26
C ASN B 208 -13.14 -42.37 -18.24
N THR B 209 -11.92 -42.66 -18.71
CA THR B 209 -11.68 -43.72 -19.69
C THR B 209 -11.25 -45.02 -19.02
N LYS B 210 -11.89 -46.13 -19.40
CA LYS B 210 -11.49 -47.49 -19.07
C LYS B 210 -11.49 -48.26 -20.37
N VAL B 211 -10.41 -48.99 -20.62
CA VAL B 211 -10.24 -49.72 -21.84
C VAL B 211 -9.51 -51.00 -21.47
N ASP B 212 -9.98 -52.12 -22.00
CA ASP B 212 -9.37 -53.45 -21.81
C ASP B 212 -9.01 -54.02 -23.17
N LYS B 213 -7.73 -54.09 -23.47
CA LYS B 213 -7.31 -54.51 -24.77
C LYS B 213 -6.78 -55.93 -24.68
N LYS B 214 -7.47 -56.86 -25.34
CA LYS B 214 -6.92 -58.18 -25.53
C LYS B 214 -5.75 -58.04 -26.51
N VAL B 215 -4.61 -58.56 -26.10
CA VAL B 215 -3.42 -58.54 -26.92
C VAL B 215 -3.33 -59.89 -27.56
N GLU B 216 -3.24 -59.95 -28.88
CA GLU B 216 -3.20 -61.22 -29.60
C GLU B 216 -1.82 -61.40 -30.31
N PRO B 217 -1.38 -62.65 -30.49
CA PRO B 217 -0.24 -63.01 -31.36
C PRO B 217 -0.30 -62.43 -32.77
N ALA B 218 0.87 -62.12 -33.35
CA ALA B 218 0.98 -61.45 -34.66
C ALA B 218 0.97 -62.46 -35.84
N GLU C 1 13.10 -7.83 -2.96
CA GLU C 1 12.13 -6.83 -2.48
C GLU C 1 12.15 -5.55 -3.30
N ASN C 2 11.04 -4.84 -3.31
CA ASN C 2 10.94 -3.61 -4.07
C ASN C 2 11.62 -2.40 -3.38
N VAL C 3 12.94 -2.29 -3.57
CA VAL C 3 13.71 -1.08 -3.16
C VAL C 3 13.17 0.22 -3.78
N LEU C 4 12.98 1.23 -2.94
CA LEU C 4 12.54 2.57 -3.35
C LEU C 4 13.68 3.53 -3.07
N THR C 5 13.94 4.41 -4.03
CA THR C 5 15.08 5.28 -4.00
C THR C 5 14.57 6.67 -4.18
N GLN C 6 14.63 7.46 -3.13
CA GLN C 6 14.18 8.85 -3.17
C GLN C 6 15.28 9.79 -3.59
N SER C 7 14.87 10.87 -4.23
CA SER C 7 15.78 11.91 -4.67
C SER C 7 15.10 13.27 -4.59
N PRO C 8 15.82 14.29 -4.16
CA PRO C 8 17.18 14.16 -3.61
C PRO C 8 17.14 13.69 -2.14
N ALA C 9 18.30 13.28 -1.62
CA ALA C 9 18.48 12.87 -0.20
C ALA C 9 18.16 13.99 0.78
N ILE C 10 18.71 15.15 0.49
CA ILE C 10 18.58 16.33 1.31
C ILE C 10 18.48 17.51 0.36
N MET C 11 17.77 18.54 0.76
CA MET C 11 17.55 19.72 -0.08
C MET C 11 17.01 20.85 0.76
N SER C 12 17.33 22.07 0.36
CA SER C 12 16.78 23.23 1.03
C SER C 12 15.92 23.99 0.02
N ALA C 13 14.97 24.76 0.53
CA ALA C 13 14.05 25.55 -0.30
C ALA C 13 13.59 26.77 0.52
N SER C 14 13.25 27.88 -0.14
CA SER C 14 12.94 29.14 0.59
C SER C 14 11.43 29.34 0.63
N PRO C 15 10.92 30.17 1.57
CA PRO C 15 9.47 30.42 1.65
C PRO C 15 8.89 30.84 0.28
N GLY C 16 7.83 30.17 -0.17
CA GLY C 16 7.22 30.47 -1.45
C GLY C 16 7.80 29.73 -2.66
N GLU C 17 9.05 29.24 -2.59
CA GLU C 17 9.65 28.47 -3.69
C GLU C 17 8.84 27.17 -3.96
N LYS C 18 8.94 26.61 -5.15
CA LYS C 18 8.28 25.33 -5.48
C LYS C 18 9.27 24.21 -5.20
N VAL C 19 8.75 23.09 -4.67
CA VAL C 19 9.57 21.96 -4.25
C VAL C 19 9.06 20.72 -4.94
N THR C 20 9.95 19.89 -5.46
CA THR C 20 9.53 18.57 -5.95
C THR C 20 10.58 17.49 -5.61
N MET C 21 10.09 16.30 -5.21
CA MET C 21 10.95 15.17 -4.82
C MET C 21 10.43 13.89 -5.42
N THR C 22 11.33 13.03 -5.89
CA THR C 22 10.94 11.79 -6.59
C THR C 22 11.16 10.56 -5.71
N CYS C 23 10.34 9.56 -6.01
CA CYS C 23 10.53 8.20 -5.54
C CYS C 23 10.57 7.35 -6.79
N SER C 24 11.55 6.46 -6.85
CA SER C 24 11.82 5.64 -8.00
C SER C 24 11.89 4.20 -7.54
N ALA C 25 10.88 3.40 -7.88
CA ALA C 25 10.82 1.99 -7.44
C ALA C 25 11.61 1.05 -8.36
N SER C 26 12.09 -0.07 -7.84
CA SER C 26 12.82 -1.06 -8.66
C SER C 26 11.87 -1.98 -9.44
N SER C 27 10.61 -2.10 -9.00
CA SER C 27 9.52 -2.76 -9.75
C SER C 27 8.28 -1.88 -9.75
N SER C 28 7.33 -2.25 -10.58
CA SER C 28 6.15 -1.40 -10.77
C SER C 28 5.05 -1.71 -9.78
N VAL C 29 4.33 -0.65 -9.44
CA VAL C 29 3.35 -0.66 -8.36
C VAL C 29 2.24 0.23 -8.79
N ASN C 30 1.02 -0.19 -8.51
CA ASN C 30 -0.15 0.59 -8.94
C ASN C 30 -0.37 1.90 -8.16
N TYR C 31 -0.01 1.91 -6.88
CA TYR C 31 -0.10 3.12 -6.05
C TYR C 31 1.09 3.29 -5.13
N MET C 32 1.42 4.56 -4.87
CA MET C 32 2.50 4.95 -3.97
C MET C 32 2.01 5.89 -2.86
N HIS C 33 2.48 5.67 -1.64
CA HIS C 33 2.06 6.46 -0.45
C HIS C 33 3.23 7.25 0.16
N TRP C 34 2.92 8.40 0.77
CA TRP C 34 3.93 9.31 1.34
C TRP C 34 3.68 9.65 2.79
N TYR C 35 4.71 9.55 3.64
CA TYR C 35 4.64 9.99 5.03
C TYR C 35 5.53 11.21 5.28
N GLN C 36 5.12 12.09 6.21
CA GLN C 36 5.94 13.21 6.70
C GLN C 36 6.29 12.92 8.14
N GLN C 37 7.57 13.02 8.46
CA GLN C 37 8.06 12.87 9.83
C GLN C 37 8.92 14.06 10.30
N LYS C 38 8.61 14.59 11.48
CA LYS C 38 9.34 15.71 12.11
C LYS C 38 10.07 15.26 13.40
N SER C 39 11.37 15.56 13.49
CA SER C 39 12.21 15.37 14.70
C SER C 39 11.98 14.07 15.45
N SER C 40 11.89 12.98 14.68
CA SER C 40 11.58 11.62 15.16
C SER C 40 10.51 11.53 16.27
N THR C 41 9.37 12.17 16.02
CA THR C 41 8.09 11.76 16.59
C THR C 41 7.48 10.88 15.48
N SER C 42 6.35 10.23 15.76
CA SER C 42 5.72 9.31 14.82
C SER C 42 5.52 9.93 13.45
N PRO C 43 5.70 9.15 12.37
CA PRO C 43 5.32 9.65 11.07
C PRO C 43 3.81 9.81 10.90
N LYS C 44 3.44 10.76 10.06
CA LYS C 44 2.07 11.07 9.72
C LYS C 44 1.80 10.65 8.26
N LEU C 45 0.64 10.04 8.02
CA LEU C 45 0.20 9.79 6.65
C LEU C 45 -0.04 11.16 5.99
N TRP C 46 0.62 11.38 4.86
CA TRP C 46 0.58 12.65 4.17
C TRP C 46 -0.17 12.49 2.84
N ILE C 47 0.23 11.51 2.02
CA ILE C 47 -0.47 11.22 0.77
C ILE C 47 -0.68 9.72 0.60
N TYR C 48 -1.86 9.30 0.14
CA TYR C 48 -2.11 7.90 -0.21
C TYR C 48 -2.76 7.78 -1.60
N ASP C 49 -2.80 6.55 -2.13
CA ASP C 49 -3.07 6.26 -3.53
C ASP C 49 -2.44 7.27 -4.53
N THR C 50 -1.11 7.42 -4.50
CA THR C 50 -0.35 8.29 -5.42
C THR C 50 -0.57 9.81 -5.26
N SER C 51 -1.84 10.21 -5.12
CA SER C 51 -2.21 11.62 -5.19
C SER C 51 -3.31 12.11 -4.25
N LYS C 52 -3.93 11.24 -3.45
CA LYS C 52 -4.99 11.67 -2.50
C LYS C 52 -4.42 12.09 -1.14
N LEU C 53 -4.94 13.20 -0.62
CA LEU C 53 -4.41 13.84 0.59
C LEU C 53 -5.11 13.32 1.81
N ALA C 54 -4.34 12.94 2.83
CA ALA C 54 -4.88 12.51 4.13
C ALA C 54 -5.44 13.73 4.86
N SER C 55 -6.38 13.55 5.79
CA SER C 55 -7.08 14.72 6.33
C SER C 55 -6.16 15.53 7.25
N GLY C 56 -6.29 16.85 7.16
CA GLY C 56 -5.39 17.77 7.86
C GLY C 56 -4.22 18.26 7.03
N VAL C 57 -4.00 17.67 5.85
CA VAL C 57 -2.86 18.01 4.95
C VAL C 57 -3.30 19.13 4.00
N PRO C 58 -2.64 20.31 4.07
CA PRO C 58 -3.11 21.45 3.27
C PRO C 58 -2.97 21.27 1.74
N GLY C 59 -3.79 22.02 1.01
CA GLY C 59 -3.93 21.90 -0.44
C GLY C 59 -2.67 22.12 -1.27
N ARG C 60 -1.72 22.90 -0.78
CA ARG C 60 -0.48 23.13 -1.57
C ARG C 60 0.28 21.84 -1.91
N PHE C 61 0.13 20.82 -1.07
CA PHE C 61 0.68 19.48 -1.32
C PHE C 61 -0.09 18.75 -2.42
N SER C 62 0.65 18.02 -3.25
CA SER C 62 0.05 17.05 -4.17
C SER C 62 1.07 15.99 -4.57
N GLY C 63 0.58 14.83 -5.02
CA GLY C 63 1.44 13.75 -5.48
C GLY C 63 1.06 13.30 -6.86
N SER C 64 1.93 12.55 -7.49
CA SER C 64 1.62 12.00 -8.81
C SER C 64 2.61 10.91 -9.22
N GLY C 65 2.40 10.41 -10.44
CA GLY C 65 3.23 9.39 -11.09
C GLY C 65 2.46 8.12 -11.40
N SER C 66 3.22 7.10 -11.81
CA SER C 66 2.71 5.78 -12.18
C SER C 66 3.87 4.81 -12.42
N GLY C 67 3.54 3.52 -12.39
CA GLY C 67 4.48 2.46 -12.69
C GLY C 67 5.60 2.35 -11.68
N ASN C 68 6.78 2.85 -12.08
CA ASN C 68 7.99 2.76 -11.29
C ASN C 68 8.63 4.15 -11.03
N SER C 69 7.83 5.23 -11.19
CA SER C 69 8.32 6.59 -10.92
C SER C 69 7.23 7.55 -10.47
N TYR C 70 7.31 7.96 -9.20
CA TYR C 70 6.32 8.81 -8.54
C TYR C 70 7.01 10.00 -7.93
N SER C 71 6.23 11.02 -7.60
CA SER C 71 6.79 12.26 -7.09
C SER C 71 5.83 13.00 -6.17
N LEU C 72 6.41 13.87 -5.34
CA LEU C 72 5.69 14.71 -4.39
C LEU C 72 6.11 16.13 -4.64
N THR C 73 5.12 17.00 -4.58
CA THR C 73 5.18 18.37 -5.04
C THR C 73 4.60 19.24 -3.95
N ILE C 74 5.30 20.31 -3.59
CA ILE C 74 4.71 21.36 -2.77
C ILE C 74 4.70 22.56 -3.68
N ARG C 75 3.51 23.02 -4.06
CA ARG C 75 3.35 24.18 -4.94
C ARG C 75 4.04 25.45 -4.34
N THR C 76 4.07 25.58 -3.02
CA THR C 76 4.66 26.76 -2.36
C THR C 76 5.21 26.52 -0.95
N MET C 77 6.51 26.23 -0.84
CA MET C 77 7.18 25.90 0.44
C MET C 77 6.84 26.84 1.60
N GLU C 78 6.46 26.26 2.75
CA GLU C 78 6.29 27.02 4.01
C GLU C 78 7.09 26.38 5.17
N ALA C 79 7.15 27.07 6.31
CA ALA C 79 8.10 26.76 7.38
C ALA C 79 7.74 25.47 8.14
N GLU C 80 6.44 25.28 8.36
CA GLU C 80 5.89 24.05 8.93
C GLU C 80 6.05 22.80 8.04
N ASP C 81 6.47 22.97 6.80
CA ASP C 81 6.79 21.85 5.94
C ASP C 81 8.23 21.33 6.09
N VAL C 82 9.05 21.82 7.04
CA VAL C 82 10.39 21.20 7.22
C VAL C 82 10.20 19.89 7.97
N ALA C 83 10.71 18.83 7.35
CA ALA C 83 10.39 17.48 7.79
C ALA C 83 11.05 16.55 6.82
N THR C 84 10.97 15.25 7.11
CA THR C 84 11.56 14.28 6.25
C THR C 84 10.41 13.48 5.66
N TYR C 85 10.45 13.26 4.34
CA TYR C 85 9.33 12.69 3.61
C TYR C 85 9.72 11.35 3.05
N PHE C 86 8.88 10.37 3.32
CA PHE C 86 9.19 8.99 3.01
C PHE C 86 8.11 8.46 2.06
N CYS C 87 8.50 7.92 0.92
CA CYS C 87 7.54 7.20 0.08
C CYS C 87 7.39 5.81 0.67
N PHE C 88 6.31 5.14 0.32
CA PHE C 88 5.98 3.82 0.86
C PHE C 88 5.11 3.08 -0.12
N GLN C 89 5.36 1.81 -0.23
CA GLN C 89 4.74 0.97 -1.21
C GLN C 89 4.08 -0.13 -0.43
N ALA C 90 2.80 -0.38 -0.67
CA ALA C 90 2.10 -1.52 -0.05
C ALA C 90 1.43 -2.40 -1.10
N SER C 91 1.94 -2.34 -2.33
CA SER C 91 1.41 -3.11 -3.45
C SER C 91 1.94 -4.53 -3.53
N GLY C 92 2.82 -4.95 -2.64
CA GLY C 92 3.60 -6.18 -2.82
C GLY C 92 4.56 -6.42 -1.65
N TYR C 93 4.60 -7.63 -1.13
CA TYR C 93 5.44 -7.90 0.01
C TYR C 93 6.88 -8.13 -0.45
N PRO C 94 7.86 -7.89 0.40
CA PRO C 94 7.70 -7.16 1.66
C PRO C 94 7.30 -5.69 1.42
N LEU C 95 6.45 -5.13 2.28
CA LEU C 95 6.17 -3.67 2.26
C LEU C 95 7.48 -2.90 2.57
N THR C 96 7.70 -1.82 1.84
CA THR C 96 8.99 -1.12 1.85
C THR C 96 8.79 0.38 1.84
N PHE C 97 9.77 1.10 2.42
CA PHE C 97 9.78 2.58 2.49
C PHE C 97 10.99 3.16 1.75
N GLY C 98 10.88 4.36 1.20
CA GLY C 98 12.06 5.07 0.70
C GLY C 98 13.03 5.49 1.81
N GLY C 99 14.32 5.63 1.46
CA GLY C 99 15.34 6.20 2.35
C GLY C 99 15.08 7.63 2.79
N GLY C 100 14.17 8.33 2.11
CA GLY C 100 13.71 9.65 2.56
C GLY C 100 14.36 10.88 1.92
N THR C 101 13.60 11.97 1.90
CA THR C 101 14.06 13.28 1.46
C THR C 101 13.90 14.29 2.59
N LYS C 102 15.04 14.81 3.04
CA LYS C 102 15.09 15.74 4.14
C LYS C 102 14.89 17.16 3.59
N LEU C 103 13.78 17.80 3.93
CA LEU C 103 13.50 19.15 3.49
C LEU C 103 13.83 20.21 4.55
N GLU C 104 14.84 21.03 4.28
CA GLU C 104 15.22 22.14 5.15
C GLU C 104 14.72 23.45 4.57
N LEU C 105 14.75 24.49 5.39
CA LEU C 105 14.33 25.83 4.99
C LEU C 105 15.58 26.58 4.65
N LYS C 106 15.56 27.28 3.52
CA LYS C 106 16.72 28.05 3.06
C LYS C 106 16.57 29.50 3.53
N ARG C 107 17.71 30.11 3.85
CA ARG C 107 17.76 31.50 4.32
C ARG C 107 19.22 32.04 4.18
N THR C 108 19.45 33.25 4.66
CA THR C 108 20.71 33.94 4.38
C THR C 108 21.74 33.61 5.44
N VAL C 109 23.00 33.87 5.16
CA VAL C 109 24.07 33.62 6.10
C VAL C 109 23.80 34.22 7.50
N ALA C 110 24.27 33.47 8.51
CA ALA C 110 24.34 33.89 9.92
C ALA C 110 25.61 33.36 10.53
N ALA C 111 26.45 34.23 11.05
CA ALA C 111 27.71 33.80 11.57
C ALA C 111 27.48 33.35 13.01
N PRO C 112 28.32 32.44 13.50
CA PRO C 112 28.11 31.94 14.85
C PRO C 112 28.59 32.88 15.93
N SER C 113 27.85 32.98 17.01
CA SER C 113 28.43 33.45 18.25
C SER C 113 29.17 32.25 18.84
N VAL C 114 30.41 32.45 19.26
CA VAL C 114 31.24 31.33 19.74
C VAL C 114 31.54 31.50 21.23
N PHE C 115 31.41 30.42 21.99
CA PHE C 115 31.65 30.44 23.43
C PHE C 115 32.47 29.23 23.84
N ILE C 116 33.41 29.45 24.76
CA ILE C 116 34.21 28.35 25.27
C ILE C 116 33.96 28.18 26.76
N PHE C 117 34.11 26.95 27.22
CA PHE C 117 33.75 26.56 28.59
C PHE C 117 34.82 25.65 29.22
N PRO C 118 35.55 26.13 30.24
CA PRO C 118 36.48 25.26 30.93
C PRO C 118 35.74 24.22 31.81
N PRO C 119 36.37 23.06 32.08
CA PRO C 119 35.77 21.99 32.90
C PRO C 119 35.47 22.44 34.35
N SER C 120 34.39 21.94 34.93
CA SER C 120 33.91 22.41 36.22
C SER C 120 34.72 21.82 37.36
N ASP C 121 34.62 22.45 38.54
CA ASP C 121 35.28 21.92 39.75
C ASP C 121 34.74 20.53 40.09
N GLU C 122 33.42 20.41 40.08
CA GLU C 122 32.68 19.13 40.26
C GLU C 122 33.28 17.97 39.45
N GLN C 123 33.47 18.21 38.16
CA GLN C 123 34.07 17.24 37.28
C GLN C 123 35.55 16.97 37.59
N LEU C 124 36.31 17.98 37.99
CA LEU C 124 37.72 17.73 38.27
C LEU C 124 37.91 16.79 39.49
N LYS C 125 37.08 16.92 40.52
CA LYS C 125 37.06 15.91 41.59
C LYS C 125 36.96 14.50 40.99
N SER C 126 36.09 14.33 39.98
CA SER C 126 35.89 13.03 39.31
C SER C 126 37.13 12.38 38.65
N GLY C 127 38.04 13.17 38.07
CA GLY C 127 39.25 12.63 37.41
C GLY C 127 39.26 12.62 35.88
N THR C 128 38.19 13.12 35.25
CA THR C 128 38.29 13.58 33.84
C THR C 128 37.97 15.07 33.76
N ALA C 129 38.20 15.63 32.56
CA ALA C 129 37.93 17.04 32.28
C ALA C 129 37.39 17.21 30.85
N SER C 130 36.27 17.90 30.74
CA SER C 130 35.67 18.17 29.45
C SER C 130 35.68 19.66 29.13
N VAL C 131 36.39 20.03 28.05
CA VAL C 131 36.31 21.42 27.54
C VAL C 131 35.22 21.46 26.47
N VAL C 132 34.23 22.35 26.63
CA VAL C 132 33.13 22.49 25.63
C VAL C 132 33.31 23.78 24.83
N CYS C 133 33.14 23.69 23.51
CA CYS C 133 33.01 24.84 22.61
C CYS C 133 31.61 24.90 22.02
N LEU C 134 30.92 26.03 22.16
CA LEU C 134 29.57 26.22 21.61
C LEU C 134 29.58 27.19 20.43
N LEU C 135 29.02 26.79 19.29
CA LEU C 135 28.75 27.72 18.20
C LEU C 135 27.24 27.93 18.09
N ASN C 136 26.81 29.15 18.38
CA ASN C 136 25.39 29.44 18.44
C ASN C 136 24.80 30.14 17.21
N ASN C 137 23.62 29.66 16.80
CA ASN C 137 22.77 30.25 15.76
C ASN C 137 23.49 30.67 14.48
N PHE C 138 23.85 29.68 13.67
CA PHE C 138 24.52 29.94 12.41
C PHE C 138 23.78 29.37 11.20
N TYR C 139 24.21 29.74 10.01
CA TYR C 139 23.65 29.17 8.79
C TYR C 139 24.61 29.50 7.64
N PRO C 140 24.89 28.59 6.72
CA PRO C 140 24.37 27.20 6.67
C PRO C 140 25.08 26.25 7.67
N ARG C 141 24.85 24.93 7.55
CA ARG C 141 25.29 23.94 8.56
C ARG C 141 26.80 23.74 8.67
N GLU C 142 27.52 23.93 7.57
CA GLU C 142 28.92 23.49 7.48
C GLU C 142 29.79 24.41 8.30
N ALA C 143 30.60 23.83 9.16
CA ALA C 143 31.47 24.54 10.09
C ALA C 143 32.56 23.59 10.55
N LYS C 144 33.73 24.15 10.85
CA LYS C 144 34.92 23.39 11.21
C LYS C 144 35.43 23.92 12.56
N VAL C 145 35.64 23.04 13.53
CA VAL C 145 36.18 23.42 14.83
C VAL C 145 37.47 22.66 15.06
N GLN C 146 38.52 23.40 15.42
CA GLN C 146 39.81 22.79 15.74
C GLN C 146 40.20 23.18 17.14
N TRP C 147 40.71 22.21 17.91
CA TRP C 147 41.19 22.45 19.28
C TRP C 147 42.70 22.66 19.33
N LYS C 148 43.11 23.63 20.15
CA LYS C 148 44.52 24.04 20.24
C LYS C 148 44.91 24.08 21.71
N VAL C 149 45.74 23.14 22.14
CA VAL C 149 46.18 23.06 23.54
C VAL C 149 47.67 23.40 23.60
N ASP C 150 48.02 24.50 24.28
CA ASP C 150 49.36 25.10 24.19
C ASP C 150 49.81 25.13 22.73
N ASN C 151 48.98 25.77 21.91
CA ASN C 151 49.17 25.92 20.45
C ASN C 151 49.31 24.67 19.57
N ALA C 152 49.09 23.48 20.13
CA ALA C 152 49.24 22.20 19.41
C ALA C 152 47.89 21.59 19.00
N LEU C 153 47.74 21.26 17.72
CA LEU C 153 46.44 20.79 17.19
C LEU C 153 46.11 19.43 17.78
N GLN C 154 44.83 19.19 18.03
CA GLN C 154 44.37 17.97 18.66
C GLN C 154 43.70 17.10 17.63
N SER C 155 43.78 15.79 17.87
CA SER C 155 43.42 14.76 16.91
C SER C 155 42.69 13.64 17.65
N GLY C 156 41.51 13.29 17.18
CA GLY C 156 40.82 12.08 17.63
C GLY C 156 40.20 12.02 19.01
N ASN C 157 40.38 13.08 19.80
CA ASN C 157 39.93 13.18 21.19
C ASN C 157 38.87 14.29 21.40
N SER C 158 38.10 14.60 20.36
CA SER C 158 36.97 15.52 20.51
C SER C 158 35.79 15.01 19.73
N GLN C 159 34.62 15.56 20.05
CA GLN C 159 33.40 15.12 19.42
C GLN C 159 32.38 16.24 19.27
N GLU C 160 31.51 16.09 18.27
CA GLU C 160 30.62 17.13 17.82
C GLU C 160 29.21 16.66 17.77
N SER C 161 28.31 17.61 17.83
CA SER C 161 26.89 17.38 17.78
C SER C 161 26.24 18.65 17.21
N VAL C 162 25.18 18.51 16.42
CA VAL C 162 24.53 19.64 15.77
C VAL C 162 23.03 19.58 16.00
N THR C 163 22.38 20.72 16.26
CA THR C 163 20.91 20.70 16.38
C THR C 163 20.30 20.61 14.99
N GLU C 164 19.05 20.20 14.94
CA GLU C 164 18.21 20.42 13.75
C GLU C 164 17.93 21.92 13.59
N GLN C 165 17.27 22.32 12.52
CA GLN C 165 16.92 23.72 12.32
C GLN C 165 16.03 24.21 13.42
N ASP C 166 16.28 25.42 13.89
CA ASP C 166 15.44 26.06 14.90
C ASP C 166 14.05 26.39 14.31
N SER C 167 13.00 26.01 15.03
CA SER C 167 11.63 26.38 14.68
C SER C 167 11.45 27.89 14.37
N LYS C 168 12.09 28.78 15.14
CA LYS C 168 11.94 30.27 14.96
C LYS C 168 12.80 30.86 13.83
N ASP C 169 14.12 30.87 13.98
CA ASP C 169 15.03 31.54 13.00
C ASP C 169 15.67 30.66 11.89
N SER C 170 15.46 29.35 11.91
CA SER C 170 16.01 28.42 10.89
C SER C 170 17.55 28.27 10.96
N THR C 171 18.13 28.56 12.12
CA THR C 171 19.55 28.37 12.30
C THR C 171 19.90 27.02 12.97
N TYR C 172 21.17 26.67 12.93
CA TYR C 172 21.71 25.53 13.62
C TYR C 172 22.61 26.03 14.74
N SER C 173 22.95 25.12 15.66
CA SER C 173 23.98 25.34 16.69
C SER C 173 24.79 24.06 16.83
N LEU C 174 25.95 24.17 17.47
CA LEU C 174 26.91 23.07 17.50
C LEU C 174 27.73 23.08 18.78
N SER C 175 27.83 21.94 19.47
CA SER C 175 28.81 21.78 20.57
C SER C 175 29.93 20.85 20.13
N SER C 176 31.14 21.22 20.52
CA SER C 176 32.30 20.38 20.38
C SER C 176 32.83 20.15 21.80
N THR C 177 33.12 18.89 22.14
CA THR C 177 33.61 18.54 23.48
C THR C 177 35.00 17.94 23.32
N LEU C 178 35.98 18.58 23.95
CA LEU C 178 37.33 18.08 23.98
C LEU C 178 37.47 17.35 25.30
N THR C 179 37.90 16.08 25.21
CA THR C 179 38.00 15.19 26.35
C THR C 179 39.47 14.95 26.67
N LEU C 180 39.83 15.20 27.95
CA LEU C 180 41.16 14.95 28.46
C LEU C 180 41.14 14.29 29.84
N SER C 181 42.21 13.56 30.18
CA SER C 181 42.39 13.10 31.55
C SER C 181 42.75 14.31 32.41
N LYS C 182 42.33 14.32 33.68
CA LYS C 182 42.71 15.43 34.58
C LYS C 182 44.20 15.63 34.63
N ALA C 183 44.97 14.54 34.74
CA ALA C 183 46.43 14.60 34.70
C ALA C 183 46.90 15.47 33.52
N ASP C 184 46.42 15.18 32.30
CA ASP C 184 46.79 15.96 31.11
C ASP C 184 46.25 17.41 31.13
N TYR C 185 45.03 17.63 31.61
CA TYR C 185 44.45 18.97 31.66
C TYR C 185 45.29 19.94 32.51
N GLU C 186 45.74 19.45 33.66
CA GLU C 186 46.58 20.24 34.57
C GLU C 186 48.00 20.49 33.99
N LYS C 187 48.47 19.63 33.07
CA LYS C 187 49.79 19.79 32.44
C LYS C 187 49.98 20.97 31.48
N HIS C 188 48.91 21.60 31.02
CA HIS C 188 48.98 22.65 30.00
C HIS C 188 48.23 23.89 30.46
N LYS C 189 48.36 24.99 29.72
CA LYS C 189 47.87 26.33 30.15
C LYS C 189 46.73 26.90 29.28
N VAL C 190 46.95 26.93 27.96
CA VAL C 190 46.06 27.63 27.02
C VAL C 190 45.26 26.67 26.16
N TYR C 191 43.93 26.80 26.28
CA TYR C 191 42.96 25.94 25.63
C TYR C 191 42.17 26.84 24.74
N ALA C 192 42.19 26.54 23.44
CA ALA C 192 41.58 27.41 22.42
C ALA C 192 40.70 26.63 21.45
N CYS C 193 39.63 27.31 21.03
CA CYS C 193 38.66 26.81 20.08
C CYS C 193 38.81 27.65 18.81
N GLU C 194 39.14 27.04 17.67
CA GLU C 194 39.26 27.79 16.37
C GLU C 194 38.15 27.41 15.39
N VAL C 195 37.29 28.37 15.08
CA VAL C 195 36.09 28.13 14.29
C VAL C 195 36.21 28.72 12.88
N THR C 196 35.85 27.90 11.90
CA THR C 196 35.79 28.34 10.54
C THR C 196 34.35 28.12 10.12
N HIS C 197 33.71 29.22 9.74
CA HIS C 197 32.40 29.19 9.12
C HIS C 197 32.37 30.29 8.05
N GLN C 198 31.50 30.12 7.07
CA GLN C 198 31.45 31.04 5.92
C GLN C 198 30.82 32.41 6.14
N GLY C 199 30.19 32.65 7.29
CA GLY C 199 29.68 33.97 7.65
C GLY C 199 30.68 34.84 8.37
N LEU C 200 31.83 34.28 8.71
CA LEU C 200 32.91 35.02 9.31
C LEU C 200 33.92 35.54 8.29
N SER C 201 34.52 36.68 8.63
CA SER C 201 35.61 37.25 7.85
C SER C 201 36.79 36.28 7.76
N SER C 202 37.07 35.62 8.86
CA SER C 202 38.15 34.66 8.93
C SER C 202 38.00 33.81 10.21
N PRO C 203 38.83 32.76 10.37
CA PRO C 203 38.51 31.88 11.50
C PRO C 203 38.59 32.57 12.87
N VAL C 204 37.68 32.26 13.78
CA VAL C 204 37.58 32.93 15.08
C VAL C 204 38.12 32.00 16.17
N THR C 205 38.83 32.59 17.13
CA THR C 205 39.55 31.83 18.14
C THR C 205 39.16 32.32 19.54
N LYS C 206 38.43 31.46 20.24
CA LYS C 206 38.05 31.71 21.63
C LYS C 206 38.91 30.79 22.49
N SER C 207 39.49 31.35 23.55
CA SER C 207 40.35 30.58 24.43
C SER C 207 40.23 30.99 25.91
N PHE C 208 40.91 30.27 26.78
CA PHE C 208 40.94 30.67 28.17
C PHE C 208 42.26 30.22 28.74
N ASN C 209 42.53 30.74 29.95
CA ASN C 209 43.70 30.35 30.77
C ASN C 209 43.31 29.63 32.06
N ARG C 210 43.86 28.41 32.24
CA ARG C 210 43.60 27.60 33.43
C ARG C 210 43.76 28.39 34.78
N GLY C 211 42.64 28.84 35.37
CA GLY C 211 42.63 29.72 36.55
C GLY C 211 41.29 30.43 36.77
N GLN D 1 -11.82 8.35 17.43
CA GLN D 1 -10.55 8.33 18.21
C GLN D 1 -9.92 6.91 18.24
N VAL D 2 -9.42 6.51 17.06
CA VAL D 2 -8.51 5.38 16.89
C VAL D 2 -7.20 5.76 17.53
N GLN D 3 -6.77 5.02 18.53
CA GLN D 3 -5.48 5.27 19.20
C GLN D 3 -4.72 3.96 19.36
N LEU D 4 -3.40 4.06 19.48
CA LEU D 4 -2.55 2.89 19.76
C LEU D 4 -1.46 3.29 20.74
N LYS D 5 -0.99 2.39 21.57
CA LYS D 5 0.14 2.73 22.45
C LYS D 5 1.06 1.53 22.67
N GLU D 6 2.35 1.72 22.35
CA GLU D 6 3.33 0.67 22.54
C GLU D 6 3.78 0.69 23.97
N SER D 7 4.21 -0.45 24.51
CA SER D 7 5.03 -0.52 25.74
C SER D 7 5.92 -1.74 25.73
N GLY D 8 7.12 -1.58 26.25
CA GLY D 8 8.10 -2.67 26.25
C GLY D 8 9.25 -2.38 27.15
N PRO D 9 10.26 -3.24 27.16
CA PRO D 9 11.28 -3.21 28.21
C PRO D 9 12.40 -2.17 28.06
N GLY D 10 12.53 -1.48 26.93
CA GLY D 10 13.53 -0.41 26.83
C GLY D 10 14.98 -0.86 26.67
N LEU D 11 15.47 -1.69 27.58
CA LEU D 11 16.83 -2.22 27.49
C LEU D 11 16.82 -3.73 27.68
N VAL D 12 17.26 -4.48 26.65
CA VAL D 12 17.33 -5.96 26.64
C VAL D 12 18.67 -6.47 26.09
N ALA D 13 19.14 -7.59 26.60
CA ALA D 13 20.46 -8.09 26.26
C ALA D 13 20.42 -9.00 25.02
N PRO D 14 21.53 -9.09 24.24
CA PRO D 14 21.51 -10.02 23.11
C PRO D 14 21.23 -11.48 23.55
N SER D 15 20.64 -12.27 22.64
CA SER D 15 20.15 -13.65 22.90
C SER D 15 18.79 -13.71 23.56
N GLN D 16 18.59 -12.91 24.60
CA GLN D 16 17.23 -12.69 25.15
C GLN D 16 16.23 -12.19 24.08
N SER D 17 14.96 -12.19 24.44
CA SER D 17 13.95 -11.80 23.48
C SER D 17 13.21 -10.51 23.86
N LEU D 18 12.69 -9.83 22.84
CA LEU D 18 11.97 -8.58 23.01
C LEU D 18 10.47 -8.85 22.93
N SER D 19 9.71 -8.35 23.91
CA SER D 19 8.25 -8.47 23.91
C SER D 19 7.65 -7.09 24.03
N ILE D 20 6.91 -6.68 23.02
CA ILE D 20 6.28 -5.38 23.02
C ILE D 20 4.79 -5.64 22.95
N THR D 21 4.03 -4.83 23.67
CA THR D 21 2.58 -4.90 23.65
C THR D 21 2.10 -3.58 23.10
N CYS D 22 1.15 -3.66 22.18
CA CYS D 22 0.45 -2.52 21.60
C CYS D 22 -0.94 -2.59 22.15
N THR D 23 -1.38 -1.51 22.77
CA THR D 23 -2.75 -1.44 23.27
C THR D 23 -3.55 -0.43 22.40
N VAL D 24 -4.65 -0.91 21.82
CA VAL D 24 -5.48 -0.10 20.92
C VAL D 24 -6.85 0.25 21.50
N SER D 25 -7.48 1.26 20.89
CA SER D 25 -8.86 1.66 21.17
C SER D 25 -9.48 2.33 19.95
N GLY D 26 -10.81 2.30 19.88
CA GLY D 26 -11.54 2.93 18.79
C GLY D 26 -11.67 2.10 17.53
N PHE D 27 -11.40 0.79 17.63
CA PHE D 27 -11.70 -0.19 16.58
C PHE D 27 -11.56 -1.65 17.09
N SER D 28 -12.24 -2.56 16.40
CA SER D 28 -12.24 -3.97 16.76
C SER D 28 -11.09 -4.65 16.03
N LEU D 29 -10.24 -5.37 16.75
CA LEU D 29 -9.17 -6.14 16.13
C LEU D 29 -9.67 -7.35 15.30
N ASN D 30 -10.88 -7.83 15.53
CA ASN D 30 -11.51 -8.81 14.61
C ASN D 30 -11.62 -8.33 13.16
N SER D 31 -11.68 -7.03 12.96
CA SER D 31 -11.98 -6.48 11.65
C SER D 31 -10.78 -5.83 10.94
N TYR D 32 -9.72 -5.49 11.67
CA TYR D 32 -8.68 -4.63 11.12
C TYR D 32 -7.31 -5.12 11.53
N GLY D 33 -6.39 -5.07 10.56
CA GLY D 33 -5.01 -5.46 10.78
C GLY D 33 -4.25 -4.41 11.55
N VAL D 34 -3.22 -4.85 12.26
CA VAL D 34 -2.23 -3.96 12.85
C VAL D 34 -0.84 -4.37 12.35
N SER D 35 -0.06 -3.39 11.91
CA SER D 35 1.30 -3.63 11.35
C SER D 35 2.33 -3.06 12.34
N TRP D 36 3.52 -3.65 12.41
CA TRP D 36 4.63 -3.07 13.19
C TRP D 36 5.69 -2.49 12.26
N VAL D 37 6.31 -1.41 12.72
CA VAL D 37 7.39 -0.75 11.98
C VAL D 37 8.46 -0.35 12.97
N ARG D 38 9.69 -0.29 12.50
CA ARG D 38 10.79 0.11 13.33
C ARG D 38 11.71 1.13 12.66
N GLN D 39 12.41 1.89 13.51
CA GLN D 39 13.26 2.96 13.05
C GLN D 39 14.55 2.89 13.81
N PRO D 40 15.64 2.39 13.16
CA PRO D 40 16.96 2.42 13.84
C PRO D 40 17.40 3.84 14.12
N PRO D 41 18.22 4.05 15.16
CA PRO D 41 18.42 5.45 15.57
C PRO D 41 19.18 6.22 14.48
N GLY D 42 18.60 7.33 14.02
CA GLY D 42 19.19 8.10 12.93
C GLY D 42 18.99 7.59 11.50
N LYS D 43 18.58 6.33 11.34
CA LYS D 43 18.32 5.74 10.03
C LYS D 43 16.79 5.91 9.74
N GLY D 44 16.26 5.18 8.75
CA GLY D 44 14.90 5.39 8.26
C GLY D 44 13.92 4.33 8.77
N LEU D 45 12.77 4.22 8.10
CA LEU D 45 11.69 3.31 8.51
C LEU D 45 11.83 1.93 7.83
N GLU D 46 11.56 0.85 8.58
CA GLU D 46 11.51 -0.52 8.07
C GLU D 46 10.24 -1.27 8.55
N TRP D 47 9.48 -1.85 7.63
CA TRP D 47 8.29 -2.64 8.01
C TRP D 47 8.70 -4.02 8.49
N LEU D 48 8.16 -4.43 9.65
CA LEU D 48 8.41 -5.76 10.26
C LEU D 48 7.33 -6.83 9.95
N GLY D 49 6.07 -6.47 10.07
CA GLY D 49 5.00 -7.43 9.86
C GLY D 49 3.61 -6.92 10.24
N VAL D 50 2.65 -7.83 10.23
CA VAL D 50 1.24 -7.47 10.33
C VAL D 50 0.43 -8.66 10.78
N ILE D 51 -0.62 -8.42 11.55
CA ILE D 51 -1.54 -9.49 11.89
C ILE D 51 -2.87 -8.94 11.52
N TRP D 52 -3.62 -9.73 10.74
CA TRP D 52 -4.86 -9.28 10.13
C TRP D 52 -6.05 -9.64 11.02
N GLY D 53 -7.21 -9.12 10.66
CA GLY D 53 -8.45 -9.46 11.35
C GLY D 53 -8.59 -10.96 11.53
N ASP D 54 -8.45 -11.71 10.43
CA ASP D 54 -8.51 -13.19 10.46
C ASP D 54 -7.45 -13.88 11.32
N GLY D 55 -6.42 -13.16 11.76
CA GLY D 55 -5.44 -13.67 12.72
C GLY D 55 -4.19 -14.21 12.07
N SER D 56 -4.12 -14.05 10.74
CA SER D 56 -3.04 -14.49 9.90
C SER D 56 -1.97 -13.41 9.76
N THR D 57 -0.75 -13.84 9.45
CA THR D 57 0.40 -12.97 9.46
C THR D 57 1.16 -12.92 8.13
N ASN D 58 1.88 -11.83 7.97
CA ASN D 58 2.81 -11.63 6.89
C ASN D 58 4.01 -10.90 7.54
N TYR D 59 5.22 -11.46 7.39
CA TYR D 59 6.46 -10.86 7.91
C TYR D 59 7.48 -10.46 6.83
N HIS D 60 8.38 -9.55 7.20
CA HIS D 60 9.50 -9.17 6.37
C HIS D 60 10.48 -10.34 6.35
N SER D 61 10.90 -10.78 5.15
CA SER D 61 11.71 -12.02 5.02
C SER D 61 12.97 -12.06 5.89
N ALA D 62 13.77 -10.99 5.86
CA ALA D 62 14.91 -10.88 6.77
C ALA D 62 14.62 -11.40 8.21
N LEU D 63 13.57 -10.86 8.81
CA LEU D 63 13.24 -11.09 10.22
C LEU D 63 12.41 -12.33 10.53
N MET D 64 11.78 -12.94 9.54
CA MET D 64 10.71 -13.93 9.78
C MET D 64 11.14 -15.11 10.66
N SER D 65 12.41 -15.52 10.59
CA SER D 65 12.91 -16.62 11.42
C SER D 65 12.86 -16.28 12.92
N ARG D 66 12.98 -14.98 13.22
CA ARG D 66 13.11 -14.47 14.59
C ARG D 66 11.85 -13.78 15.17
N LEU D 67 10.88 -13.47 14.31
CA LEU D 67 9.79 -12.55 14.64
C LEU D 67 8.44 -13.27 14.64
N ARG D 68 7.57 -12.87 15.58
CA ARG D 68 6.24 -13.49 15.77
C ARG D 68 5.24 -12.48 16.33
N ILE D 69 4.13 -12.31 15.63
CA ILE D 69 3.09 -11.40 16.06
C ILE D 69 1.88 -12.26 16.37
N SER D 70 1.17 -11.89 17.45
CA SER D 70 -0.05 -12.57 17.90
C SER D 70 -0.94 -11.52 18.55
N LYS D 71 -2.15 -11.89 18.98
CA LYS D 71 -3.12 -10.92 19.51
C LYS D 71 -4.24 -11.49 20.40
N ASP D 72 -4.91 -10.58 21.11
CA ASP D 72 -6.06 -10.90 21.96
C ASP D 72 -7.17 -9.89 21.75
N ASN D 73 -8.07 -10.23 20.81
CA ASN D 73 -9.14 -9.30 20.36
C ASN D 73 -9.94 -8.80 21.52
N SER D 74 -10.21 -9.70 22.47
CA SER D 74 -11.00 -9.37 23.66
C SER D 74 -10.27 -8.47 24.67
N LYS D 75 -8.94 -8.54 24.75
CA LYS D 75 -8.16 -7.57 25.56
C LYS D 75 -7.72 -6.32 24.75
N ARG D 76 -7.90 -6.33 23.43
CA ARG D 76 -7.56 -5.20 22.55
C ARG D 76 -6.05 -4.93 22.53
N GLN D 77 -5.31 -6.01 22.32
CA GLN D 77 -3.86 -6.01 22.41
C GLN D 77 -3.20 -6.77 21.26
N VAL D 78 -2.12 -6.21 20.73
CA VAL D 78 -1.34 -6.85 19.70
C VAL D 78 0.06 -7.05 20.30
N PHE D 79 0.64 -8.23 20.07
CA PHE D 79 1.87 -8.65 20.72
C PHE D 79 2.94 -8.88 19.70
N LEU D 80 4.11 -8.24 19.87
CA LEU D 80 5.26 -8.46 19.02
C LEU D 80 6.30 -9.16 19.83
N LYS D 81 6.80 -10.28 19.34
CA LYS D 81 7.83 -11.01 20.00
C LYS D 81 9.00 -11.16 19.02
N LEU D 82 10.21 -10.72 19.39
CA LEU D 82 11.42 -10.77 18.52
C LEU D 82 12.55 -11.53 19.22
N ASN D 83 13.04 -12.61 18.60
CA ASN D 83 13.97 -13.55 19.25
C ASN D 83 15.40 -13.30 18.81
N SER D 84 16.35 -13.84 19.59
CA SER D 84 17.77 -13.85 19.20
C SER D 84 18.24 -12.45 18.85
N LEU D 85 18.00 -11.51 19.75
CA LEU D 85 18.28 -10.12 19.43
C LEU D 85 19.75 -9.89 19.14
N GLN D 86 20.01 -8.99 18.21
CA GLN D 86 21.35 -8.48 17.99
C GLN D 86 21.32 -6.94 18.05
N THR D 87 22.49 -6.32 18.02
CA THR D 87 22.65 -4.91 18.34
C THR D 87 21.89 -3.98 17.39
N ASP D 88 21.79 -4.39 16.12
CA ASP D 88 21.04 -3.60 15.15
C ASP D 88 19.53 -3.83 15.21
N ASP D 89 19.05 -4.63 16.15
CA ASP D 89 17.61 -4.57 16.49
C ASP D 89 17.25 -3.31 17.31
N THR D 90 18.28 -2.57 17.71
CA THR D 90 18.12 -1.30 18.40
C THR D 90 17.36 -0.32 17.51
N ALA D 91 16.23 0.19 18.02
CA ALA D 91 15.32 1.03 17.23
C ALA D 91 14.18 1.48 18.07
N THR D 92 13.38 2.34 17.48
CA THR D 92 12.11 2.73 18.05
C THR D 92 11.10 1.88 17.30
N TYR D 93 10.31 1.10 18.03
CA TYR D 93 9.33 0.22 17.45
C TYR D 93 7.96 0.91 17.57
N TYR D 94 7.29 1.03 16.43
CA TYR D 94 5.92 1.51 16.37
C TYR D 94 4.94 0.36 16.11
N CYS D 95 3.69 0.52 16.50
CA CYS D 95 2.60 -0.28 15.97
C CYS D 95 1.73 0.70 15.23
N THR D 96 0.94 0.20 14.32
CA THR D 96 0.35 1.05 13.28
C THR D 96 -0.96 0.43 12.73
N LYS D 97 -1.84 1.25 12.17
CA LYS D 97 -3.13 0.76 11.65
C LYS D 97 -3.26 1.12 10.20
N PRO D 98 -3.17 0.12 9.30
CA PRO D 98 -3.57 0.28 7.92
C PRO D 98 -4.96 0.83 7.80
N GLY D 99 -5.12 1.84 6.93
CA GLY D 99 -6.43 2.44 6.60
C GLY D 99 -6.58 2.76 5.14
N SER D 100 -6.45 4.05 4.81
CA SER D 100 -6.67 4.53 3.46
C SER D 100 -5.50 4.12 2.56
N GLY D 101 -5.82 3.33 1.56
CA GLY D 101 -4.84 2.80 0.62
C GLY D 101 -4.06 1.66 1.22
N TYR D 102 -4.55 1.08 2.32
CA TYR D 102 -3.82 0.12 3.14
C TYR D 102 -2.47 0.63 3.71
N ALA D 103 -2.30 1.96 3.68
CA ALA D 103 -1.16 2.65 4.27
C ALA D 103 -1.47 3.02 5.72
N PHE D 104 -0.44 3.42 6.43
CA PHE D 104 -0.48 3.47 7.87
C PHE D 104 -1.00 4.82 8.36
N ALA D 105 -2.31 4.86 8.60
CA ALA D 105 -3.05 6.08 8.95
C ALA D 105 -2.91 6.57 10.40
N TYR D 106 -2.63 5.64 11.32
CA TYR D 106 -2.55 5.88 12.75
C TYR D 106 -1.37 5.11 13.33
N TRP D 107 -0.51 5.83 14.05
CA TRP D 107 0.68 5.25 14.67
C TRP D 107 0.66 5.50 16.16
N GLY D 108 1.11 4.53 16.94
CA GLY D 108 1.42 4.80 18.35
C GLY D 108 2.65 5.67 18.36
N GLN D 109 2.96 6.22 19.53
CA GLN D 109 4.05 7.21 19.67
C GLN D 109 5.48 6.64 19.60
N GLY D 110 5.62 5.33 19.76
CA GLY D 110 6.87 4.62 19.57
C GLY D 110 7.45 4.26 20.92
N THR D 111 8.17 3.14 20.99
CA THR D 111 8.92 2.77 22.19
C THR D 111 10.38 2.51 21.80
N LEU D 112 11.34 3.06 22.53
CA LEU D 112 12.75 2.92 22.22
C LEU D 112 13.32 1.63 22.87
N VAL D 113 13.93 0.76 22.05
CA VAL D 113 14.54 -0.50 22.50
C VAL D 113 16.02 -0.44 22.21
N THR D 114 16.84 -0.67 23.23
CA THR D 114 18.28 -0.66 23.13
C THR D 114 18.75 -2.05 23.50
N VAL D 115 19.55 -2.68 22.64
CA VAL D 115 20.01 -4.04 22.88
C VAL D 115 21.45 -4.03 23.34
N SER D 116 21.63 -4.22 24.64
CA SER D 116 22.95 -4.40 25.20
C SER D 116 22.90 -5.21 26.50
N SER D 117 23.93 -6.03 26.68
CA SER D 117 24.16 -6.75 27.92
C SER D 117 24.48 -5.82 29.09
N ALA D 118 24.84 -4.58 28.82
CA ALA D 118 25.31 -3.68 29.85
C ALA D 118 24.23 -3.17 30.77
N SER D 119 24.69 -2.88 31.97
CA SER D 119 23.85 -2.37 33.00
C SER D 119 23.49 -0.90 32.71
N THR D 120 22.39 -0.48 33.27
CA THR D 120 22.02 0.93 33.28
C THR D 120 23.00 1.79 34.12
N LYS D 121 23.11 3.07 33.74
CA LYS D 121 23.96 4.04 34.43
C LYS D 121 23.42 5.45 34.24
N GLY D 122 23.17 6.13 35.35
CA GLY D 122 22.71 7.52 35.35
C GLY D 122 23.86 8.47 35.08
N PRO D 123 23.57 9.68 34.61
CA PRO D 123 24.62 10.64 34.29
C PRO D 123 25.01 11.53 35.44
N SER D 124 26.28 11.92 35.47
CA SER D 124 26.71 13.12 36.18
C SER D 124 26.25 14.33 35.36
N VAL D 125 25.97 15.46 36.01
CA VAL D 125 25.49 16.65 35.31
C VAL D 125 26.33 17.84 35.72
N PHE D 126 27.31 18.15 34.90
CA PHE D 126 28.27 19.22 35.16
C PHE D 126 27.75 20.56 34.62
N PRO D 127 28.06 21.67 35.30
CA PRO D 127 27.62 22.98 34.81
C PRO D 127 28.62 23.55 33.83
N LEU D 128 28.11 24.37 32.90
CA LEU D 128 28.91 25.13 31.97
C LEU D 128 28.62 26.57 32.34
N ALA D 129 29.57 27.13 33.09
CA ALA D 129 29.38 28.40 33.76
C ALA D 129 29.51 29.57 32.76
N PRO D 130 28.69 30.62 32.94
CA PRO D 130 28.91 31.81 32.11
C PRO D 130 30.26 32.46 32.38
N SER D 131 30.68 33.24 31.39
CA SER D 131 32.05 33.72 31.26
C SER D 131 32.45 34.79 32.27
N GLY D 138 24.82 42.98 26.64
CA GLY D 138 25.55 41.72 26.53
C GLY D 138 24.62 40.51 26.35
N THR D 139 25.18 39.42 25.81
CA THR D 139 24.55 38.09 25.84
C THR D 139 25.55 37.03 26.33
N ALA D 140 25.15 36.30 27.37
CA ALA D 140 25.91 35.18 27.89
C ALA D 140 25.26 33.86 27.50
N ALA D 141 26.09 32.82 27.47
CA ALA D 141 25.63 31.48 27.20
C ALA D 141 26.02 30.70 28.41
N LEU D 142 25.10 29.88 28.91
CA LEU D 142 25.44 28.86 29.89
C LEU D 142 24.74 27.59 29.49
N GLY D 143 25.11 26.50 30.17
CA GLY D 143 24.49 25.21 29.96
C GLY D 143 24.84 24.14 30.98
N CYS D 144 24.50 22.90 30.61
CA CYS D 144 24.89 21.69 31.31
C CYS D 144 25.55 20.68 30.41
N LEU D 145 26.42 19.89 31.00
CA LEU D 145 27.01 18.76 30.35
C LEU D 145 26.47 17.50 31.04
N VAL D 146 25.58 16.77 30.39
CA VAL D 146 24.99 15.57 30.95
C VAL D 146 25.82 14.37 30.50
N LYS D 147 26.82 13.98 31.31
CA LYS D 147 27.82 12.98 30.88
C LYS D 147 27.64 11.55 31.39
N ASP D 148 28.08 10.57 30.57
CA ASP D 148 28.27 9.17 30.97
C ASP D 148 27.02 8.41 31.47
N TYR D 149 25.99 8.37 30.63
CA TYR D 149 24.73 7.67 30.89
C TYR D 149 24.43 6.60 29.85
N PHE D 150 23.57 5.66 30.23
CA PHE D 150 23.19 4.53 29.34
C PHE D 150 21.93 3.80 29.82
N PRO D 151 20.94 3.47 28.96
CA PRO D 151 20.83 3.83 27.55
C PRO D 151 20.24 5.21 27.37
N GLU D 152 19.93 5.59 26.11
CA GLU D 152 19.02 6.71 25.84
C GLU D 152 17.62 6.39 26.40
N PRO D 153 16.81 7.40 26.76
CA PRO D 153 17.13 8.82 26.58
C PRO D 153 17.18 9.61 27.90
N VAL D 154 17.62 10.88 27.80
CA VAL D 154 17.48 11.89 28.85
C VAL D 154 16.63 13.01 28.28
N THR D 155 15.93 13.74 29.14
CA THR D 155 15.27 14.99 28.80
C THR D 155 15.96 16.09 29.58
N VAL D 156 15.86 17.30 29.08
CA VAL D 156 16.37 18.47 29.74
C VAL D 156 15.35 19.57 29.54
N SER D 157 14.78 20.11 30.60
CA SER D 157 14.10 21.38 30.50
C SER D 157 14.95 22.37 31.33
N TRP D 158 14.61 23.66 31.30
CA TRP D 158 15.28 24.67 32.15
C TRP D 158 14.24 25.42 32.97
N ASN D 159 14.60 25.76 34.22
CA ASN D 159 13.69 26.43 35.19
C ASN D 159 12.24 25.89 35.19
N SER D 160 12.15 24.56 35.28
CA SER D 160 10.88 23.80 35.32
C SER D 160 9.96 23.93 34.09
N GLY D 161 10.55 24.29 32.94
CA GLY D 161 9.82 24.55 31.68
C GLY D 161 9.49 26.01 31.42
N ALA D 162 9.79 26.87 32.39
CA ALA D 162 9.52 28.30 32.28
C ALA D 162 10.47 29.00 31.30
N LEU D 163 11.65 28.43 31.09
CA LEU D 163 12.67 28.98 30.17
C LEU D 163 12.84 28.10 28.92
N THR D 164 12.27 28.54 27.80
CA THR D 164 12.42 27.87 26.51
C THR D 164 13.09 28.73 25.42
N SER D 165 12.75 30.01 25.34
CA SER D 165 13.37 30.87 24.34
C SER D 165 14.88 30.89 24.58
N GLY D 166 15.64 30.54 23.52
CA GLY D 166 17.10 30.53 23.56
C GLY D 166 17.77 29.19 23.89
N VAL D 167 16.98 28.14 24.13
CA VAL D 167 17.50 26.86 24.58
C VAL D 167 17.84 25.98 23.40
N HIS D 168 19.01 25.35 23.44
CA HIS D 168 19.33 24.30 22.49
C HIS D 168 19.81 23.08 23.28
N THR D 169 19.12 21.96 23.04
CA THR D 169 19.51 20.69 23.56
C THR D 169 20.06 19.82 22.43
N PHE D 170 21.35 19.50 22.47
CA PHE D 170 22.03 18.78 21.38
C PHE D 170 21.70 17.29 21.40
N PRO D 171 21.83 16.62 20.26
CA PRO D 171 21.70 15.17 20.30
C PRO D 171 22.81 14.52 21.07
N ALA D 172 22.54 13.31 21.53
CA ALA D 172 23.49 12.56 22.31
C ALA D 172 24.59 12.10 21.37
N VAL D 173 25.80 11.98 21.91
CA VAL D 173 26.94 11.47 21.17
C VAL D 173 27.40 10.22 21.87
N LEU D 174 27.87 9.26 21.11
CA LEU D 174 28.36 8.01 21.66
C LEU D 174 29.86 8.25 21.92
N GLN D 175 30.29 8.16 23.17
CA GLN D 175 31.69 8.33 23.50
C GLN D 175 32.42 7.03 23.28
N SER D 176 33.74 7.08 23.36
CA SER D 176 34.57 5.93 23.06
C SER D 176 34.44 4.84 24.16
N SER D 177 34.01 5.26 25.35
CA SER D 177 33.58 4.33 26.41
C SER D 177 32.29 3.50 26.11
N GLY D 178 31.51 3.87 25.10
CA GLY D 178 30.24 3.23 24.82
C GLY D 178 29.06 3.81 25.58
N LEU D 179 29.34 4.88 26.34
CA LEU D 179 28.35 5.59 27.11
C LEU D 179 27.96 6.83 26.35
N TYR D 180 26.73 7.28 26.53
CA TYR D 180 26.28 8.48 25.83
C TYR D 180 26.62 9.73 26.61
N SER D 181 26.73 10.85 25.91
CA SER D 181 26.90 12.15 26.54
C SER D 181 26.16 13.22 25.76
N LEU D 182 25.59 14.18 26.46
CA LEU D 182 24.67 15.16 25.88
C LEU D 182 24.93 16.56 26.43
N SER D 183 24.69 17.59 25.66
CA SER D 183 24.84 18.98 26.16
C SER D 183 23.55 19.75 25.94
N SER D 184 23.21 20.63 26.89
CA SER D 184 22.09 21.56 26.72
C SER D 184 22.57 22.93 27.06
N VAL D 185 22.24 23.92 26.26
CA VAL D 185 22.71 25.29 26.51
C VAL D 185 21.60 26.27 26.31
N VAL D 186 21.81 27.46 26.86
CA VAL D 186 20.85 28.55 26.76
C VAL D 186 21.55 29.90 26.76
N THR D 187 21.04 30.83 25.97
CA THR D 187 21.58 32.20 25.90
C THR D 187 20.59 33.07 26.65
N VAL D 188 21.12 33.96 27.48
CA VAL D 188 20.30 34.84 28.32
C VAL D 188 20.98 36.22 28.42
N PRO D 189 20.24 37.26 28.85
CA PRO D 189 20.89 38.57 29.07
C PRO D 189 22.03 38.51 30.08
N SER D 190 23.14 39.19 29.79
CA SER D 190 24.24 39.30 30.74
C SER D 190 23.85 40.04 31.99
N SER D 191 23.04 41.09 31.82
CA SER D 191 22.47 41.83 32.95
C SER D 191 21.87 40.91 34.04
N SER D 192 21.06 39.92 33.64
CA SER D 192 20.30 39.12 34.59
C SER D 192 21.09 37.95 35.24
N LEU D 193 22.39 37.83 34.99
CA LEU D 193 23.17 36.80 35.69
C LEU D 193 23.19 36.92 37.22
N GLY D 194 23.22 38.14 37.73
CA GLY D 194 23.29 38.36 39.18
C GLY D 194 22.02 38.03 39.92
N THR D 195 20.89 38.44 39.36
CA THR D 195 19.58 38.23 39.97
C THR D 195 19.01 36.80 39.72
N GLN D 196 18.64 36.53 38.45
CA GLN D 196 17.99 35.27 38.00
C GLN D 196 18.79 33.98 38.26
N THR D 197 18.13 32.94 38.80
CA THR D 197 18.83 31.65 38.92
C THR D 197 18.39 30.68 37.79
N TYR D 198 19.37 29.92 37.29
CA TYR D 198 19.23 29.04 36.13
C TYR D 198 19.52 27.55 36.47
N ILE D 199 18.52 26.71 36.27
CA ILE D 199 18.58 25.31 36.66
C ILE D 199 18.29 24.35 35.46
N CYS D 200 19.22 23.45 35.25
CA CYS D 200 19.05 22.25 34.42
C CYS D 200 18.12 21.25 35.03
N ASN D 201 16.97 20.97 34.44
CA ASN D 201 16.15 19.83 34.88
C ASN D 201 16.44 18.61 34.03
N VAL D 202 17.24 17.69 34.55
CA VAL D 202 17.66 16.52 33.81
C VAL D 202 17.01 15.27 34.37
N ASN D 203 16.30 14.55 33.51
CA ASN D 203 15.73 13.30 33.91
C ASN D 203 16.19 12.18 32.98
N HIS D 204 16.58 11.06 33.56
CA HIS D 204 17.02 9.87 32.85
C HIS D 204 16.17 8.70 33.33
N LYS D 205 14.97 8.54 32.76
CA LYS D 205 14.01 7.51 33.23
C LYS D 205 14.58 6.10 33.42
N PRO D 206 15.32 5.55 32.42
CA PRO D 206 15.85 4.15 32.53
C PRO D 206 16.65 3.76 33.79
N SER D 207 17.36 4.71 34.42
CA SER D 207 18.06 4.51 35.68
C SER D 207 17.33 5.16 36.84
N ASN D 208 16.22 5.83 36.56
CA ASN D 208 15.48 6.57 37.58
C ASN D 208 16.27 7.75 38.26
N THR D 209 17.25 8.34 37.56
CA THR D 209 18.03 9.48 38.06
C THR D 209 17.31 10.78 37.67
N LYS D 210 17.15 11.69 38.62
CA LYS D 210 16.82 13.11 38.37
C LYS D 210 18.01 13.95 38.82
N VAL D 211 18.29 15.00 38.10
CA VAL D 211 19.27 15.98 38.54
C VAL D 211 18.79 17.37 38.13
N ASP D 212 18.60 18.25 39.11
CA ASP D 212 18.32 19.67 38.89
C ASP D 212 19.56 20.43 39.33
N LYS D 213 20.43 20.76 38.38
CA LYS D 213 21.68 21.45 38.64
C LYS D 213 21.56 22.95 38.51
N LYS D 214 21.94 23.68 39.55
CA LYS D 214 21.96 25.14 39.53
C LYS D 214 23.27 25.55 38.89
N VAL D 215 23.17 26.26 37.76
CA VAL D 215 24.35 26.72 37.03
C VAL D 215 24.58 28.18 37.37
N GLU D 216 25.81 28.48 37.78
CA GLU D 216 26.20 29.83 38.20
C GLU D 216 27.70 30.08 37.93
N PRO D 217 28.13 31.36 37.94
CA PRO D 217 29.51 31.67 37.48
C PRO D 217 30.61 31.33 38.53
N ALA D 218 31.68 30.61 38.13
CA ALA D 218 32.74 30.15 39.09
C ALA D 218 33.43 31.29 39.82
N GLU E 1 -4.85 25.74 -26.28
CA GLU E 1 -6.24 26.15 -26.67
C GLU E 1 -6.39 27.67 -26.56
N ASN E 2 -7.49 28.19 -27.09
CA ASN E 2 -7.72 29.63 -27.08
C ASN E 2 -8.31 30.06 -25.72
N VAL E 3 -7.42 30.46 -24.83
CA VAL E 3 -7.79 30.99 -23.51
C VAL E 3 -8.36 32.41 -23.66
N LEU E 4 -9.59 32.58 -23.16
CA LEU E 4 -10.25 33.85 -23.12
C LEU E 4 -10.18 34.33 -21.68
N THR E 5 -9.76 35.58 -21.51
CA THR E 5 -9.57 36.22 -20.21
C THR E 5 -10.51 37.43 -20.03
N GLN E 6 -11.50 37.27 -19.13
CA GLN E 6 -12.46 38.34 -18.81
C GLN E 6 -11.95 39.23 -17.72
N SER E 7 -12.14 40.53 -17.87
CA SER E 7 -11.79 41.51 -16.85
C SER E 7 -12.88 42.61 -16.77
N PRO E 8 -13.15 43.18 -15.60
CA PRO E 8 -12.73 42.65 -14.32
C PRO E 8 -13.50 41.35 -13.98
N ALA E 9 -12.92 40.51 -13.12
CA ALA E 9 -13.58 39.31 -12.64
C ALA E 9 -14.82 39.63 -11.82
N ILE E 10 -14.79 40.70 -11.06
CA ILE E 10 -15.96 41.06 -10.29
C ILE E 10 -16.12 42.54 -10.27
N MET E 11 -17.34 43.03 -10.38
CA MET E 11 -17.57 44.46 -10.49
C MET E 11 -18.96 44.83 -10.04
N SER E 12 -19.09 46.04 -9.53
CA SER E 12 -20.36 46.49 -8.99
C SER E 12 -20.78 47.72 -9.72
N ALA E 13 -22.08 47.98 -9.81
CA ALA E 13 -22.60 49.22 -10.42
C ALA E 13 -23.94 49.68 -9.82
N SER E 14 -24.13 51.00 -9.63
CA SER E 14 -25.45 51.59 -9.27
C SER E 14 -26.46 51.46 -10.41
N PRO E 15 -27.77 51.52 -10.12
CA PRO E 15 -28.72 51.62 -11.23
C PRO E 15 -28.57 52.92 -12.00
N GLY E 16 -28.88 52.88 -13.28
CA GLY E 16 -28.61 53.98 -14.19
C GLY E 16 -27.17 54.15 -14.70
N GLU E 17 -26.16 53.61 -14.00
CA GLU E 17 -24.75 53.68 -14.46
C GLU E 17 -24.49 52.86 -15.76
N LYS E 18 -23.44 53.24 -16.49
CA LYS E 18 -22.93 52.49 -17.63
C LYS E 18 -21.86 51.49 -17.14
N VAL E 19 -21.98 50.22 -17.60
CA VAL E 19 -21.02 49.16 -17.24
C VAL E 19 -20.46 48.55 -18.52
N THR E 20 -19.16 48.33 -18.51
CA THR E 20 -18.46 47.79 -19.65
C THR E 20 -17.50 46.73 -19.13
N MET E 21 -17.65 45.52 -19.66
CA MET E 21 -16.77 44.41 -19.31
C MET E 21 -16.12 43.92 -20.58
N THR E 22 -14.86 43.50 -20.49
CA THR E 22 -14.07 43.12 -21.65
C THR E 22 -13.71 41.65 -21.61
N CYS E 23 -13.43 41.10 -22.80
CA CYS E 23 -12.97 39.73 -23.01
C CYS E 23 -11.75 39.81 -23.91
N SER E 24 -10.68 39.15 -23.52
CA SER E 24 -9.42 39.17 -24.27
C SER E 24 -9.00 37.73 -24.71
N ALA E 25 -8.95 37.47 -26.01
CA ALA E 25 -8.64 36.11 -26.50
C ALA E 25 -7.16 35.97 -26.75
N SER E 26 -6.59 34.82 -26.40
CA SER E 26 -5.16 34.55 -26.65
C SER E 26 -4.84 34.41 -28.15
N SER E 27 -5.76 33.88 -28.93
CA SER E 27 -5.62 33.84 -30.39
C SER E 27 -6.82 34.58 -31.00
N SER E 28 -6.62 35.27 -32.13
CA SER E 28 -7.68 36.08 -32.75
C SER E 28 -8.83 35.23 -33.31
N VAL E 29 -10.04 35.77 -33.22
CA VAL E 29 -11.30 35.15 -33.67
C VAL E 29 -12.11 36.21 -34.43
N ASN E 30 -13.01 35.81 -35.31
CA ASN E 30 -13.87 36.77 -36.05
C ASN E 30 -15.17 37.12 -35.34
N TYR E 31 -15.53 36.33 -34.33
CA TYR E 31 -16.80 36.45 -33.64
C TYR E 31 -16.67 36.04 -32.17
N MET E 32 -17.35 36.76 -31.28
CA MET E 32 -17.44 36.37 -29.86
C MET E 32 -18.90 36.28 -29.43
N HIS E 33 -19.22 35.34 -28.55
CA HIS E 33 -20.58 35.15 -28.04
C HIS E 33 -20.57 35.43 -26.55
N TRP E 34 -21.75 35.64 -25.96
CA TRP E 34 -21.88 35.93 -24.53
C TRP E 34 -23.10 35.23 -23.89
N TYR E 35 -22.88 34.57 -22.75
CA TYR E 35 -23.96 34.00 -21.97
C TYR E 35 -24.13 34.78 -20.67
N GLN E 36 -25.38 34.84 -20.18
CA GLN E 36 -25.72 35.31 -18.84
C GLN E 36 -26.17 34.08 -18.00
N GLN E 37 -25.71 34.04 -16.75
CA GLN E 37 -26.15 33.03 -15.80
C GLN E 37 -26.42 33.67 -14.42
N LYS E 38 -27.54 33.32 -13.81
CA LYS E 38 -27.95 33.81 -12.50
C LYS E 38 -28.12 32.64 -11.53
N SER E 39 -27.65 32.82 -10.29
CA SER E 39 -27.70 31.82 -9.19
C SER E 39 -27.71 30.35 -9.67
N SER E 40 -26.66 30.06 -10.44
CA SER E 40 -26.31 28.73 -10.92
C SER E 40 -27.42 27.82 -11.51
N THR E 41 -28.38 28.45 -12.19
CA THR E 41 -29.21 27.75 -13.17
C THR E 41 -28.74 28.02 -14.62
N SER E 42 -29.44 27.41 -15.56
CA SER E 42 -28.94 27.29 -16.90
C SER E 42 -28.52 28.63 -17.49
N PRO E 43 -27.28 28.69 -18.06
CA PRO E 43 -26.92 29.90 -18.78
C PRO E 43 -27.83 30.11 -19.98
N LYS E 44 -28.20 31.38 -20.23
CA LYS E 44 -28.89 31.81 -21.44
C LYS E 44 -27.93 32.50 -22.41
N LEU E 45 -28.05 32.18 -23.69
CA LEU E 45 -27.40 32.98 -24.74
C LEU E 45 -27.89 34.42 -24.66
N TRP E 46 -26.96 35.36 -24.67
CA TRP E 46 -27.30 36.78 -24.49
C TRP E 46 -26.93 37.61 -25.69
N ILE E 47 -25.72 37.42 -26.20
CA ILE E 47 -25.28 38.05 -27.43
C ILE E 47 -24.60 37.01 -28.27
N TYR E 48 -24.93 36.99 -29.55
CA TYR E 48 -24.30 36.12 -30.51
C TYR E 48 -23.72 36.95 -31.67
N ASP E 49 -22.77 36.36 -32.41
CA ASP E 49 -21.87 37.05 -33.38
C ASP E 49 -21.49 38.47 -32.99
N THR E 50 -20.71 38.57 -31.92
CA THR E 50 -20.15 39.83 -31.44
C THR E 50 -21.15 40.84 -30.90
N SER E 51 -22.16 41.19 -31.69
CA SER E 51 -23.03 42.31 -31.36
C SER E 51 -24.54 42.10 -31.56
N LYS E 52 -24.99 40.90 -31.98
CA LYS E 52 -26.40 40.63 -32.25
C LYS E 52 -27.06 40.17 -30.94
N LEU E 53 -28.15 40.82 -30.53
CA LEU E 53 -28.87 40.36 -29.34
C LEU E 53 -29.55 39.02 -29.60
N ALA E 54 -29.92 38.35 -28.52
CA ALA E 54 -30.61 37.06 -28.58
C ALA E 54 -32.10 37.28 -28.31
N SER E 55 -32.86 36.18 -28.32
CA SER E 55 -34.29 36.21 -27.99
C SER E 55 -34.52 36.73 -26.58
N GLY E 56 -35.31 37.80 -26.48
CA GLY E 56 -35.77 38.37 -25.20
C GLY E 56 -34.79 39.29 -24.48
N VAL E 57 -33.65 39.59 -25.12
CA VAL E 57 -32.59 40.37 -24.50
C VAL E 57 -32.92 41.83 -24.72
N PRO E 58 -33.01 42.63 -23.65
CA PRO E 58 -33.37 44.03 -23.87
C PRO E 58 -32.26 44.81 -24.57
N GLY E 59 -32.63 45.85 -25.31
CA GLY E 59 -31.68 46.66 -26.08
C GLY E 59 -30.77 47.60 -25.28
N ARG E 60 -30.91 47.62 -23.96
CA ARG E 60 -29.87 48.29 -23.15
C ARG E 60 -28.52 47.52 -23.26
N PHE E 61 -28.57 46.27 -23.70
CA PHE E 61 -27.38 45.49 -24.00
C PHE E 61 -26.86 45.70 -25.42
N SER E 62 -25.54 45.60 -25.54
CA SER E 62 -24.84 45.68 -26.82
C SER E 62 -23.48 45.07 -26.65
N GLY E 63 -22.80 44.81 -27.76
CA GLY E 63 -21.49 44.15 -27.71
C GLY E 63 -20.66 44.47 -28.92
N SER E 64 -19.35 44.55 -28.73
CA SER E 64 -18.49 44.88 -29.84
C SER E 64 -17.06 44.38 -29.74
N GLY E 65 -16.35 44.55 -30.85
CA GLY E 65 -14.93 44.35 -30.93
C GLY E 65 -14.54 43.43 -32.06
N SER E 66 -13.24 43.13 -32.07
CA SER E 66 -12.57 42.55 -33.21
C SER E 66 -11.31 41.79 -32.73
N GLY E 67 -10.93 40.76 -33.47
CA GLY E 67 -9.66 40.14 -33.32
C GLY E 67 -9.46 39.48 -31.98
N ASN E 68 -8.69 40.15 -31.12
CA ASN E 68 -8.44 39.67 -29.77
C ASN E 68 -9.26 40.37 -28.70
N SER E 69 -9.83 41.56 -28.99
CA SER E 69 -10.59 42.37 -27.97
C SER E 69 -12.08 42.51 -28.20
N TYR E 70 -12.87 41.96 -27.29
CA TYR E 70 -14.31 42.08 -27.36
C TYR E 70 -14.80 42.72 -26.07
N SER E 71 -16.05 43.18 -26.08
CA SER E 71 -16.62 43.84 -24.93
C SER E 71 -18.14 43.74 -24.96
N LEU E 72 -18.71 43.77 -23.76
CA LEU E 72 -20.17 43.81 -23.52
C LEU E 72 -20.43 45.09 -22.74
N THR E 73 -21.47 45.81 -23.13
CA THR E 73 -21.83 47.10 -22.52
C THR E 73 -23.31 47.09 -22.08
N ILE E 74 -23.55 47.69 -20.91
CA ILE E 74 -24.92 47.96 -20.45
C ILE E 74 -25.03 49.47 -20.36
N ARG E 75 -26.00 50.06 -21.09
CA ARG E 75 -26.28 51.51 -21.10
C ARG E 75 -26.57 51.98 -19.71
N THR E 76 -27.63 51.40 -19.16
CA THR E 76 -28.07 51.69 -17.82
C THR E 76 -28.29 50.37 -17.09
N MET E 77 -27.44 50.15 -16.09
CA MET E 77 -27.62 49.11 -15.09
C MET E 77 -29.02 49.13 -14.51
N GLU E 78 -29.57 47.96 -14.29
CA GLU E 78 -30.81 47.83 -13.50
C GLU E 78 -30.68 46.56 -12.70
N ALA E 79 -31.43 46.47 -11.60
CA ALA E 79 -31.25 45.38 -10.65
C ALA E 79 -31.31 43.99 -11.31
N GLU E 80 -32.20 43.83 -12.30
CA GLU E 80 -32.33 42.53 -13.00
C GLU E 80 -31.05 42.10 -13.72
N ASP E 81 -30.24 43.05 -14.17
CA ASP E 81 -28.98 42.75 -14.84
C ASP E 81 -27.90 42.11 -13.94
N VAL E 82 -28.15 42.04 -12.64
CA VAL E 82 -27.26 41.30 -11.73
C VAL E 82 -27.16 39.81 -12.18
N ALA E 83 -25.92 39.41 -12.50
CA ALA E 83 -25.60 38.07 -13.02
C ALA E 83 -24.11 37.89 -13.18
N THR E 84 -23.73 36.69 -13.60
CA THR E 84 -22.36 36.43 -14.08
C THR E 84 -22.45 36.24 -15.60
N TYR E 85 -21.61 36.98 -16.34
CA TYR E 85 -21.54 36.93 -17.80
C TYR E 85 -20.28 36.25 -18.32
N PHE E 86 -20.46 35.30 -19.22
CA PHE E 86 -19.35 34.53 -19.79
C PHE E 86 -19.22 34.81 -21.31
N CYS E 87 -18.00 35.13 -21.76
CA CYS E 87 -17.70 35.19 -23.18
C CYS E 87 -17.38 33.78 -23.69
N PHE E 88 -17.54 33.61 -25.00
CA PHE E 88 -17.45 32.30 -25.64
C PHE E 88 -17.06 32.38 -27.10
N GLN E 89 -16.06 31.61 -27.50
CA GLN E 89 -15.71 31.51 -28.93
C GLN E 89 -16.05 30.12 -29.45
N ALA E 90 -16.67 30.08 -30.63
CA ALA E 90 -16.94 28.80 -31.31
C ALA E 90 -16.28 28.80 -32.70
N SER E 91 -15.23 29.62 -32.84
CA SER E 91 -14.46 29.76 -34.07
C SER E 91 -13.54 28.58 -34.34
N GLY E 92 -12.96 28.02 -33.28
CA GLY E 92 -12.04 26.87 -33.38
C GLY E 92 -12.11 25.92 -32.20
N TYR E 93 -11.66 24.67 -32.42
CA TYR E 93 -11.59 23.64 -31.36
C TYR E 93 -10.26 23.73 -30.57
N PRO E 94 -10.29 23.54 -29.24
CA PRO E 94 -11.51 23.33 -28.45
C PRO E 94 -12.36 24.61 -28.35
N LEU E 95 -13.69 24.49 -28.39
CA LEU E 95 -14.61 25.57 -28.04
C LEU E 95 -14.33 26.02 -26.59
N THR E 96 -14.28 27.35 -26.34
CA THR E 96 -13.82 27.83 -25.00
C THR E 96 -14.55 29.02 -24.43
N PHE E 97 -14.64 28.97 -23.10
CA PHE E 97 -15.35 29.98 -22.32
C PHE E 97 -14.38 30.88 -21.57
N GLY E 98 -14.79 32.10 -21.34
CA GLY E 98 -14.06 32.92 -20.38
C GLY E 98 -14.39 32.52 -18.95
N GLY E 99 -13.57 33.02 -18.02
CA GLY E 99 -13.81 32.77 -16.61
C GLY E 99 -14.98 33.53 -15.98
N GLY E 100 -15.72 34.31 -16.75
CA GLY E 100 -16.82 35.10 -16.18
C GLY E 100 -16.42 36.44 -15.58
N THR E 101 -17.40 37.33 -15.56
CA THR E 101 -17.35 38.63 -14.91
C THR E 101 -18.65 38.72 -14.12
N LYS E 102 -18.54 38.62 -12.81
CA LYS E 102 -19.70 38.67 -11.93
C LYS E 102 -20.08 40.12 -11.75
N LEU E 103 -21.34 40.43 -11.99
CA LEU E 103 -21.83 41.80 -11.92
C LEU E 103 -22.80 41.98 -10.73
N GLU E 104 -22.39 42.81 -9.79
CA GLU E 104 -23.18 43.07 -8.57
C GLU E 104 -23.70 44.51 -8.49
N LEU E 105 -24.70 44.72 -7.65
CA LEU E 105 -25.28 46.05 -7.47
C LEU E 105 -24.51 46.82 -6.39
N LYS E 106 -24.53 48.14 -6.52
CA LYS E 106 -23.94 49.04 -5.53
C LYS E 106 -25.06 49.54 -4.66
N ARG E 107 -24.73 49.82 -3.41
CA ARG E 107 -25.66 50.46 -2.48
C ARG E 107 -24.89 51.02 -1.28
N THR E 108 -25.61 51.69 -0.39
CA THR E 108 -24.99 52.32 0.73
C THR E 108 -24.55 51.28 1.72
N VAL E 109 -23.53 51.65 2.49
CA VAL E 109 -23.00 50.81 3.57
C VAL E 109 -24.13 50.39 4.52
N ALA E 110 -24.02 49.18 5.06
CA ALA E 110 -25.01 48.67 5.98
C ALA E 110 -24.37 47.74 6.99
N ALA E 111 -24.56 48.03 8.27
CA ALA E 111 -23.95 47.24 9.34
C ALA E 111 -24.77 46.01 9.62
N PRO E 112 -24.09 44.86 9.89
CA PRO E 112 -24.82 43.62 10.20
C PRO E 112 -25.49 43.70 11.56
N SER E 113 -26.65 43.04 11.69
CA SER E 113 -27.16 42.65 13.00
C SER E 113 -26.48 41.30 13.30
N VAL E 114 -25.85 41.18 14.46
CA VAL E 114 -25.21 39.95 14.86
C VAL E 114 -26.04 39.19 15.89
N PHE E 115 -26.06 37.89 15.73
CA PHE E 115 -26.69 36.96 16.66
C PHE E 115 -25.73 35.77 16.84
N ILE E 116 -25.90 35.06 17.94
CA ILE E 116 -25.09 33.89 18.25
C ILE E 116 -25.98 32.80 18.80
N PHE E 117 -25.66 31.55 18.47
CA PHE E 117 -26.43 30.40 18.95
C PHE E 117 -25.53 29.37 19.61
N PRO E 118 -25.79 29.09 20.90
CA PRO E 118 -25.23 27.89 21.49
C PRO E 118 -25.67 26.63 20.75
N PRO E 119 -24.88 25.55 20.84
CA PRO E 119 -25.34 24.24 20.34
C PRO E 119 -26.53 23.70 21.15
N SER E 120 -27.41 23.00 20.46
CA SER E 120 -28.51 22.26 21.04
C SER E 120 -28.00 21.09 21.92
N ASP E 121 -28.76 20.77 22.96
CA ASP E 121 -28.47 19.58 23.80
C ASP E 121 -28.55 18.31 22.96
N GLU E 122 -29.47 18.32 21.99
CA GLU E 122 -29.61 17.19 21.08
C GLU E 122 -28.33 16.91 20.32
N GLN E 123 -27.69 17.95 19.81
CA GLN E 123 -26.46 17.74 19.07
C GLN E 123 -25.34 17.30 20.02
N LEU E 124 -25.30 17.88 21.22
CA LEU E 124 -24.30 17.51 22.26
C LEU E 124 -24.25 16.01 22.59
N LYS E 125 -25.40 15.35 22.69
CA LYS E 125 -25.40 13.92 22.96
C LYS E 125 -24.69 13.06 21.87
N SER E 126 -24.67 13.53 20.62
CA SER E 126 -23.87 12.92 19.51
C SER E 126 -22.32 13.14 19.58
N GLY E 127 -21.82 13.95 20.51
CA GLY E 127 -20.37 14.08 20.71
C GLY E 127 -19.72 15.25 19.97
N THR E 128 -20.54 16.04 19.27
CA THR E 128 -20.07 17.27 18.61
C THR E 128 -20.85 18.52 19.09
N ALA E 129 -20.20 19.67 18.99
CA ALA E 129 -20.78 20.98 19.30
C ALA E 129 -20.59 21.94 18.13
N SER E 130 -21.69 22.47 17.62
CA SER E 130 -21.65 23.49 16.56
C SER E 130 -22.17 24.76 17.18
N VAL E 131 -21.37 25.83 17.11
CA VAL E 131 -21.73 27.15 17.63
C VAL E 131 -21.81 28.08 16.42
N VAL E 132 -22.91 28.78 16.26
CA VAL E 132 -23.20 29.48 14.99
C VAL E 132 -23.31 30.97 15.27
N CYS E 133 -22.63 31.74 14.44
CA CYS E 133 -22.71 33.17 14.46
C CYS E 133 -23.34 33.62 13.14
N LEU E 134 -24.39 34.42 13.23
CA LEU E 134 -25.13 34.94 12.08
C LEU E 134 -24.83 36.46 11.95
N LEU E 135 -24.34 36.91 10.78
CA LEU E 135 -24.30 38.35 10.40
C LEU E 135 -25.44 38.62 9.40
N ASN E 136 -26.43 39.41 9.80
CA ASN E 136 -27.62 39.59 8.98
C ASN E 136 -27.65 40.97 8.33
N ASN E 137 -27.85 40.99 7.00
CA ASN E 137 -28.18 42.20 6.20
C ASN E 137 -27.16 43.35 6.20
N PHE E 138 -25.95 43.02 5.76
CA PHE E 138 -24.88 43.99 5.69
C PHE E 138 -24.44 44.24 4.27
N TYR E 139 -23.68 45.32 4.07
CA TYR E 139 -23.02 45.61 2.79
C TYR E 139 -21.85 46.51 3.11
N PRO E 140 -20.72 46.36 2.44
CA PRO E 140 -20.44 45.38 1.40
C PRO E 140 -20.12 43.95 1.95
N ARG E 141 -19.84 43.00 1.05
CA ARG E 141 -19.66 41.61 1.42
C ARG E 141 -18.49 41.36 2.41
N GLU E 142 -17.45 42.19 2.41
CA GLU E 142 -16.29 41.94 3.30
C GLU E 142 -16.66 42.12 4.76
N ALA E 143 -16.03 41.32 5.61
CA ALA E 143 -16.37 41.22 7.03
C ALA E 143 -15.38 40.28 7.65
N LYS E 144 -14.93 40.59 8.86
CA LYS E 144 -13.98 39.76 9.58
C LYS E 144 -14.71 39.19 10.78
N VAL E 145 -14.70 37.87 10.93
CA VAL E 145 -15.43 37.27 12.05
C VAL E 145 -14.51 36.37 12.84
N GLN E 146 -14.08 36.86 14.02
CA GLN E 146 -13.14 36.15 14.91
C GLN E 146 -13.90 35.43 16.01
N TRP E 147 -13.50 34.20 16.30
CA TRP E 147 -14.05 33.45 17.44
C TRP E 147 -13.09 33.52 18.64
N LYS E 148 -13.65 33.73 19.83
CA LYS E 148 -12.90 33.71 21.08
C LYS E 148 -13.55 32.73 22.06
N VAL E 149 -12.75 31.84 22.64
CA VAL E 149 -13.25 30.89 23.65
C VAL E 149 -12.47 31.10 24.96
N ASP E 150 -13.15 31.61 25.99
CA ASP E 150 -12.52 32.16 27.21
C ASP E 150 -11.42 33.18 26.83
N ASN E 151 -11.70 34.01 25.83
CA ASN E 151 -10.72 34.95 25.23
C ASN E 151 -9.55 34.39 24.41
N ALA E 152 -9.37 33.08 24.30
CA ALA E 152 -8.37 32.55 23.37
C ALA E 152 -8.89 32.68 21.91
N LEU E 153 -8.15 33.41 21.08
CA LEU E 153 -8.47 33.53 19.66
C LEU E 153 -8.35 32.16 18.99
N GLN E 154 -9.31 31.83 18.12
CA GLN E 154 -9.39 30.52 17.45
C GLN E 154 -8.90 30.58 16.01
N SER E 155 -8.24 29.51 15.58
CA SER E 155 -7.79 29.40 14.19
C SER E 155 -8.13 28.01 13.67
N GLY E 156 -8.59 27.95 12.43
CA GLY E 156 -8.77 26.68 11.70
C GLY E 156 -9.86 25.72 12.12
N ASN E 157 -10.75 26.13 13.03
CA ASN E 157 -11.89 25.29 13.45
C ASN E 157 -13.23 25.98 13.21
N SER E 158 -13.25 26.97 12.30
CA SER E 158 -14.48 27.69 11.90
C SER E 158 -14.70 27.68 10.38
N GLN E 159 -15.96 27.76 9.94
CA GLN E 159 -16.33 27.86 8.50
C GLN E 159 -17.40 28.92 8.23
N GLU E 160 -17.17 29.71 7.16
CA GLU E 160 -18.04 30.80 6.73
C GLU E 160 -18.88 30.37 5.57
N SER E 161 -20.03 31.00 5.44
CA SER E 161 -20.94 30.76 4.31
C SER E 161 -21.70 32.06 4.04
N VAL E 162 -21.60 32.55 2.80
CA VAL E 162 -22.23 33.85 2.40
C VAL E 162 -23.40 33.63 1.46
N THR E 163 -24.37 34.54 1.52
CA THR E 163 -25.43 34.53 0.55
C THR E 163 -24.99 35.26 -0.71
N GLU E 164 -25.77 35.03 -1.74
CA GLU E 164 -25.82 35.91 -2.88
C GLU E 164 -26.45 37.20 -2.39
N GLN E 165 -26.10 38.28 -3.06
CA GLN E 165 -26.69 39.60 -2.84
C GLN E 165 -28.22 39.51 -2.87
N ASP E 166 -28.87 40.16 -1.92
CA ASP E 166 -30.30 40.04 -1.81
C ASP E 166 -30.99 40.79 -2.96
N SER E 167 -31.91 40.12 -3.64
CA SER E 167 -32.61 40.74 -4.77
C SER E 167 -33.47 41.91 -4.32
N LYS E 168 -33.94 41.93 -3.06
CA LYS E 168 -34.75 43.05 -2.59
C LYS E 168 -33.93 44.29 -2.22
N ASP E 169 -33.07 44.16 -1.20
CA ASP E 169 -32.32 45.31 -0.65
C ASP E 169 -30.82 45.30 -0.94
N SER E 170 -30.38 44.41 -1.82
CA SER E 170 -28.97 44.30 -2.23
C SER E 170 -27.95 44.07 -1.12
N THR E 171 -28.40 43.58 0.06
CA THR E 171 -27.50 43.24 1.19
C THR E 171 -27.01 41.79 1.15
N TYR E 172 -26.12 41.45 2.07
CA TYR E 172 -25.68 40.08 2.28
C TYR E 172 -26.00 39.62 3.70
N SER E 173 -26.01 38.29 3.90
CA SER E 173 -25.98 37.69 5.23
C SER E 173 -24.93 36.60 5.23
N LEU E 174 -24.41 36.32 6.42
CA LEU E 174 -23.28 35.44 6.59
C LEU E 174 -23.46 34.57 7.83
N SER E 175 -22.93 33.34 7.79
CA SER E 175 -22.91 32.48 8.95
C SER E 175 -21.48 32.02 9.19
N SER E 176 -21.11 31.95 10.47
CA SER E 176 -19.84 31.38 10.89
C SER E 176 -20.13 30.25 11.86
N THR E 177 -19.58 29.09 11.57
CA THR E 177 -19.79 27.93 12.39
C THR E 177 -18.44 27.40 12.94
N LEU E 178 -18.24 27.65 14.23
CA LEU E 178 -17.20 27.04 15.06
C LEU E 178 -17.64 25.63 15.51
N THR E 179 -16.94 24.60 15.02
CA THR E 179 -17.19 23.18 15.41
C THR E 179 -16.10 22.78 16.43
N LEU E 180 -16.55 22.12 17.49
CA LEU E 180 -15.68 21.53 18.52
C LEU E 180 -16.24 20.18 18.93
N SER E 181 -15.47 19.44 19.71
CA SER E 181 -15.96 18.22 20.33
C SER E 181 -16.76 18.58 21.58
N LYS E 182 -17.69 17.70 21.94
CA LYS E 182 -18.38 17.80 23.23
C LYS E 182 -17.41 17.83 24.42
N ALA E 183 -16.26 17.17 24.28
CA ALA E 183 -15.22 17.22 25.32
C ALA E 183 -14.63 18.63 25.46
N ASP E 184 -14.18 19.20 24.35
CA ASP E 184 -13.62 20.57 24.37
C ASP E 184 -14.64 21.68 24.66
N TYR E 185 -15.88 21.51 24.21
CA TYR E 185 -16.91 22.50 24.44
C TYR E 185 -17.22 22.58 25.94
N GLU E 186 -17.24 21.42 26.62
CA GLU E 186 -17.56 21.37 28.06
C GLU E 186 -16.43 21.97 28.93
N LYS E 187 -15.19 21.95 28.44
CA LYS E 187 -13.98 22.39 29.19
C LYS E 187 -13.59 23.90 29.00
N HIS E 188 -14.60 24.77 28.81
CA HIS E 188 -14.43 26.22 28.60
C HIS E 188 -15.81 26.87 28.80
N LYS E 189 -15.87 28.08 29.37
CA LYS E 189 -17.15 28.74 29.76
C LYS E 189 -17.76 29.76 28.76
N VAL E 190 -16.94 30.68 28.26
CA VAL E 190 -17.38 31.83 27.45
C VAL E 190 -17.10 31.65 25.95
N TYR E 191 -18.13 31.83 25.13
CA TYR E 191 -17.99 31.72 23.66
C TYR E 191 -18.40 33.03 23.03
N ALA E 192 -17.53 33.60 22.20
CA ALA E 192 -17.76 34.95 21.66
C ALA E 192 -17.49 35.07 20.15
N CYS E 193 -18.33 35.87 19.49
CA CYS E 193 -18.25 36.14 18.06
C CYS E 193 -17.94 37.63 17.93
N GLU E 194 -16.77 38.00 17.42
CA GLU E 194 -16.45 39.42 17.25
C GLU E 194 -16.39 39.73 15.77
N VAL E 195 -17.11 40.79 15.39
CA VAL E 195 -17.39 41.10 13.98
C VAL E 195 -16.90 42.50 13.74
N THR E 196 -15.95 42.67 12.82
CA THR E 196 -15.57 44.00 12.38
C THR E 196 -16.02 44.19 10.91
N HIS E 197 -16.56 45.35 10.62
CA HIS E 197 -17.18 45.63 9.33
C HIS E 197 -17.22 47.13 9.12
N GLN E 198 -17.21 47.57 7.88
CA GLN E 198 -17.08 48.99 7.58
C GLN E 198 -18.20 49.89 8.13
N GLY E 199 -19.42 49.38 8.14
CA GLY E 199 -20.58 50.03 8.72
C GLY E 199 -20.70 50.09 10.24
N LEU E 200 -19.71 49.54 10.97
CA LEU E 200 -19.61 49.64 12.42
C LEU E 200 -18.46 50.54 12.84
N SER E 201 -18.70 51.57 13.64
CA SER E 201 -17.58 52.41 14.14
C SER E 201 -16.56 51.65 15.02
N SER E 202 -16.94 50.48 15.58
CA SER E 202 -16.01 49.63 16.35
C SER E 202 -16.54 48.19 16.47
N PRO E 203 -15.65 47.20 16.72
CA PRO E 203 -16.09 45.81 16.58
C PRO E 203 -17.16 45.39 17.56
N VAL E 204 -18.26 44.89 17.02
CA VAL E 204 -19.34 44.30 17.79
C VAL E 204 -18.93 42.91 18.24
N THR E 205 -19.39 42.48 19.42
CA THR E 205 -19.18 41.12 19.95
C THR E 205 -20.45 40.56 20.62
N LYS E 206 -20.83 39.36 20.26
CA LYS E 206 -21.91 38.65 20.93
C LYS E 206 -21.29 37.47 21.61
N SER E 207 -21.62 37.25 22.87
CA SER E 207 -21.10 36.13 23.61
C SER E 207 -22.17 35.51 24.46
N PHE E 208 -21.87 34.30 24.92
CA PHE E 208 -22.71 33.56 25.87
C PHE E 208 -21.85 32.69 26.77
N ASN E 209 -22.50 32.19 27.83
CA ASN E 209 -21.90 31.34 28.86
C ASN E 209 -22.59 30.02 28.79
N ARG E 210 -21.82 28.95 28.65
CA ARG E 210 -22.35 27.58 28.61
C ARG E 210 -23.35 27.26 29.76
N GLY E 211 -24.50 26.63 29.42
CA GLY E 211 -25.48 26.09 30.41
C GLY E 211 -25.89 26.95 31.61
N GLN F 1 -41.08 24.96 -29.80
CA GLN F 1 -40.41 25.13 -28.47
C GLN F 1 -39.37 24.04 -28.41
N VAL F 2 -38.15 24.43 -28.73
CA VAL F 2 -37.00 23.56 -28.58
C VAL F 2 -36.76 23.36 -27.09
N GLN F 3 -36.50 22.12 -26.71
CA GLN F 3 -36.34 21.73 -25.32
C GLN F 3 -35.36 20.57 -25.16
N LEU F 4 -34.68 20.54 -24.02
CA LEU F 4 -33.66 19.55 -23.72
C LEU F 4 -33.72 19.15 -22.26
N LYS F 5 -33.45 17.89 -21.98
CA LYS F 5 -33.62 17.42 -20.61
C LYS F 5 -32.56 16.37 -20.33
N GLU F 6 -31.80 16.58 -19.26
CA GLU F 6 -30.77 15.62 -18.85
C GLU F 6 -31.38 14.75 -17.79
N SER F 7 -31.10 13.45 -17.90
CA SER F 7 -31.40 12.51 -16.83
C SER F 7 -30.13 11.70 -16.60
N GLY F 8 -29.55 11.90 -15.41
CA GLY F 8 -28.29 11.28 -15.03
C GLY F 8 -28.30 10.68 -13.61
N PRO F 9 -27.18 10.08 -13.22
CA PRO F 9 -27.17 9.24 -12.04
C PRO F 9 -26.95 9.94 -10.67
N GLY F 10 -26.80 11.28 -10.62
CA GLY F 10 -26.37 11.96 -9.39
C GLY F 10 -25.02 11.45 -8.91
N LEU F 11 -25.05 10.45 -8.02
CA LEU F 11 -23.87 9.93 -7.34
C LEU F 11 -23.26 8.68 -8.00
N VAL F 12 -22.01 8.77 -8.44
CA VAL F 12 -21.27 7.65 -9.05
C VAL F 12 -19.88 7.54 -8.43
N ALA F 13 -19.29 6.35 -8.44
CA ALA F 13 -17.98 6.12 -7.79
C ALA F 13 -16.80 6.30 -8.76
N PRO F 14 -15.59 6.64 -8.23
CA PRO F 14 -14.38 6.65 -9.04
C PRO F 14 -14.18 5.34 -9.85
N SER F 15 -13.71 5.47 -11.10
CA SER F 15 -13.48 4.34 -12.03
C SER F 15 -14.72 3.76 -12.71
N GLN F 16 -15.92 4.13 -12.28
CA GLN F 16 -17.15 3.69 -12.97
C GLN F 16 -17.41 4.66 -14.13
N SER F 17 -18.55 4.51 -14.81
CA SER F 17 -18.88 5.30 -15.99
C SER F 17 -20.11 6.17 -15.76
N LEU F 18 -19.93 7.46 -16.01
CA LEU F 18 -21.02 8.40 -16.03
C LEU F 18 -21.82 8.13 -17.29
N SER F 19 -23.14 8.10 -17.18
CA SER F 19 -24.01 8.02 -18.35
C SER F 19 -25.16 8.95 -18.15
N ILE F 20 -25.34 9.89 -19.06
CA ILE F 20 -26.45 10.82 -19.04
C ILE F 20 -27.19 10.71 -20.36
N THR F 21 -28.50 10.89 -20.31
CA THR F 21 -29.35 10.90 -21.51
C THR F 21 -30.04 12.28 -21.64
N CYS F 22 -29.81 12.94 -22.77
CA CYS F 22 -30.48 14.19 -23.15
C CYS F 22 -31.69 13.80 -23.99
N THR F 23 -32.92 14.06 -23.52
CA THR F 23 -34.14 13.90 -24.35
C THR F 23 -34.57 15.25 -24.96
N VAL F 24 -34.51 15.34 -26.27
CA VAL F 24 -34.82 16.59 -26.96
C VAL F 24 -36.22 16.55 -27.62
N SER F 25 -36.83 17.71 -27.77
CA SER F 25 -38.10 17.84 -28.46
C SER F 25 -38.12 19.20 -29.15
N GLY F 26 -38.86 19.31 -30.26
CA GLY F 26 -38.96 20.56 -31.04
C GLY F 26 -37.96 20.68 -32.19
N PHE F 27 -37.20 19.62 -32.45
CA PHE F 27 -36.29 19.60 -33.61
C PHE F 27 -35.81 18.17 -33.86
N SER F 28 -35.35 17.93 -35.08
CA SER F 28 -34.82 16.64 -35.49
C SER F 28 -33.32 16.62 -35.18
N LEU F 29 -32.86 15.57 -34.52
CA LEU F 29 -31.42 15.29 -34.47
C LEU F 29 -30.79 14.94 -35.84
N ASN F 30 -31.58 14.62 -36.87
CA ASN F 30 -31.02 14.38 -38.23
C ASN F 30 -30.42 15.67 -38.80
N SER F 31 -31.10 16.79 -38.54
CA SER F 31 -30.69 18.12 -38.99
C SER F 31 -29.58 18.78 -38.15
N TYR F 32 -29.75 18.79 -36.82
CA TYR F 32 -29.02 19.68 -35.90
C TYR F 32 -28.09 18.98 -34.90
N GLY F 33 -27.07 19.72 -34.46
CA GLY F 33 -26.05 19.20 -33.53
C GLY F 33 -26.42 19.46 -32.08
N VAL F 34 -25.88 18.61 -31.18
CA VAL F 34 -26.07 18.76 -29.71
C VAL F 34 -24.71 18.65 -28.97
N SER F 35 -24.40 19.69 -28.17
CA SER F 35 -23.12 19.83 -27.42
C SER F 35 -23.33 19.60 -25.91
N TRP F 36 -22.28 19.15 -25.24
CA TRP F 36 -22.31 18.99 -23.78
C TRP F 36 -21.29 19.91 -23.14
N VAL F 37 -21.71 20.58 -22.07
CA VAL F 37 -20.89 21.49 -21.28
C VAL F 37 -21.00 21.02 -19.82
N ARG F 38 -19.97 21.24 -19.01
CA ARG F 38 -20.12 21.06 -17.56
C ARG F 38 -19.63 22.27 -16.77
N GLN F 39 -20.08 22.32 -15.53
CA GLN F 39 -19.83 23.42 -14.61
C GLN F 39 -19.49 22.79 -13.27
N PRO F 40 -18.18 22.69 -12.96
CA PRO F 40 -17.74 22.23 -11.66
C PRO F 40 -18.24 23.16 -10.55
N PRO F 41 -18.40 22.66 -9.31
CA PRO F 41 -19.09 23.48 -8.30
C PRO F 41 -18.36 24.81 -8.00
N GLY F 42 -19.10 25.91 -8.11
CA GLY F 42 -18.53 27.26 -7.90
C GLY F 42 -17.52 27.74 -8.92
N LYS F 43 -17.53 27.17 -10.11
CA LYS F 43 -16.50 27.41 -11.12
C LYS F 43 -17.13 27.78 -12.45
N GLY F 44 -16.30 28.07 -13.44
CA GLY F 44 -16.78 28.46 -14.76
C GLY F 44 -17.35 27.30 -15.56
N LEU F 45 -17.47 27.53 -16.87
CA LEU F 45 -18.03 26.58 -17.81
C LEU F 45 -16.94 25.92 -18.64
N GLU F 46 -17.16 24.65 -18.97
CA GLU F 46 -16.25 23.93 -19.82
C GLU F 46 -17.05 23.18 -20.85
N TRP F 47 -16.73 23.41 -22.13
CA TRP F 47 -17.26 22.57 -23.21
C TRP F 47 -16.56 21.21 -23.28
N LEU F 48 -17.34 20.15 -23.48
CA LEU F 48 -16.85 18.78 -23.44
C LEU F 48 -16.76 18.16 -24.81
N GLY F 49 -17.80 18.36 -25.61
CA GLY F 49 -17.89 17.71 -26.91
C GLY F 49 -19.24 17.92 -27.56
N VAL F 50 -19.32 17.50 -28.83
CA VAL F 50 -20.51 17.67 -29.66
C VAL F 50 -20.70 16.52 -30.64
N ILE F 51 -21.97 16.24 -30.95
CA ILE F 51 -22.37 15.34 -32.02
C ILE F 51 -23.26 16.08 -33.04
N TRP F 52 -22.80 16.17 -34.28
CA TRP F 52 -23.53 16.96 -35.28
C TRP F 52 -24.67 16.16 -35.87
N GLY F 53 -25.60 16.87 -36.50
CA GLY F 53 -26.74 16.24 -37.21
C GLY F 53 -26.36 15.08 -38.14
N ASP F 54 -25.21 15.20 -38.81
CA ASP F 54 -24.65 14.14 -39.64
C ASP F 54 -24.05 12.95 -38.86
N GLY F 55 -23.88 13.04 -37.54
CA GLY F 55 -23.31 11.94 -36.74
C GLY F 55 -21.82 12.02 -36.45
N SER F 56 -21.12 13.00 -37.01
CA SER F 56 -19.71 13.24 -36.70
C SER F 56 -19.56 13.78 -35.27
N THR F 57 -18.40 13.49 -34.68
CA THR F 57 -18.09 13.94 -33.32
C THR F 57 -16.78 14.73 -33.25
N ASN F 58 -16.78 15.80 -32.44
CA ASN F 58 -15.57 16.47 -31.89
C ASN F 58 -15.60 16.44 -30.35
N TYR F 59 -14.48 16.12 -29.72
CA TYR F 59 -14.36 16.11 -28.24
C TYR F 59 -13.35 17.18 -27.82
N HIS F 60 -13.32 17.52 -26.52
CA HIS F 60 -12.38 18.52 -25.98
C HIS F 60 -11.07 17.76 -25.70
N SER F 61 -9.99 18.21 -26.34
CA SER F 61 -8.66 17.59 -26.23
C SER F 61 -8.23 17.13 -24.79
N ALA F 62 -8.31 18.05 -23.82
CA ALA F 62 -8.02 17.78 -22.38
C ALA F 62 -8.60 16.47 -21.80
N LEU F 63 -9.82 16.09 -22.21
CA LEU F 63 -10.43 14.86 -21.70
C LEU F 63 -9.64 13.55 -21.93
N MET F 64 -8.75 13.50 -22.95
CA MET F 64 -7.96 12.30 -23.33
C MET F 64 -8.91 11.15 -23.74
N SER F 65 -9.77 11.52 -24.70
CA SER F 65 -11.14 10.99 -24.82
C SER F 65 -11.49 9.74 -23.98
N ARG F 66 -11.78 10.03 -22.70
CA ARG F 66 -12.57 9.15 -21.84
C ARG F 66 -14.07 9.30 -22.22
N LEU F 67 -14.37 10.33 -23.02
CA LEU F 67 -15.71 10.68 -23.44
C LEU F 67 -16.08 10.09 -24.80
N ARG F 68 -17.22 9.43 -24.90
CA ARG F 68 -17.86 9.19 -26.19
C ARG F 68 -19.31 9.71 -26.14
N ILE F 69 -19.71 10.41 -27.21
CA ILE F 69 -21.07 10.87 -27.39
C ILE F 69 -21.65 10.11 -28.57
N SER F 70 -22.88 9.64 -28.41
CA SER F 70 -23.61 8.90 -29.44
C SER F 70 -25.07 9.30 -29.38
N LYS F 71 -25.83 8.99 -30.43
CA LYS F 71 -27.22 9.42 -30.53
C LYS F 71 -28.13 8.30 -31.06
N ASP F 72 -29.43 8.48 -30.87
CA ASP F 72 -30.48 7.71 -31.56
C ASP F 72 -31.53 8.68 -32.12
N ASN F 73 -31.43 8.96 -33.41
CA ASN F 73 -32.23 9.99 -34.06
C ASN F 73 -33.73 9.79 -33.92
N SER F 74 -34.17 8.56 -34.18
CA SER F 74 -35.59 8.13 -34.10
C SER F 74 -36.21 8.29 -32.71
N LYS F 75 -35.42 7.97 -31.68
CA LYS F 75 -35.84 8.11 -30.26
C LYS F 75 -35.62 9.54 -29.67
N ARG F 76 -34.95 10.42 -30.42
CA ARG F 76 -34.77 11.83 -30.06
C ARG F 76 -33.92 12.01 -28.78
N GLN F 77 -32.85 11.19 -28.68
CA GLN F 77 -31.98 11.14 -27.52
C GLN F 77 -30.49 11.26 -27.91
N VAL F 78 -29.68 11.83 -27.00
CA VAL F 78 -28.22 11.90 -27.14
C VAL F 78 -27.60 11.35 -25.86
N PHE F 79 -26.52 10.58 -26.01
CA PHE F 79 -25.91 9.81 -24.91
C PHE F 79 -24.50 10.30 -24.69
N LEU F 80 -24.16 10.49 -23.41
CA LEU F 80 -22.86 10.93 -22.96
C LEU F 80 -22.36 9.78 -22.10
N LYS F 81 -21.19 9.23 -22.42
CA LYS F 81 -20.58 8.21 -21.57
C LYS F 81 -19.18 8.73 -21.22
N LEU F 82 -18.84 8.79 -19.93
CA LEU F 82 -17.53 9.28 -19.48
C LEU F 82 -16.84 8.22 -18.61
N ASN F 83 -15.79 7.62 -19.14
CA ASN F 83 -15.12 6.49 -18.48
C ASN F 83 -14.09 6.96 -17.45
N SER F 84 -13.67 6.05 -16.58
CA SER F 84 -12.61 6.29 -15.57
C SER F 84 -12.74 7.63 -14.84
N LEU F 85 -13.82 7.74 -14.08
CA LEU F 85 -14.19 8.95 -13.37
C LEU F 85 -13.15 9.28 -12.30
N GLN F 86 -12.50 10.43 -12.43
CA GLN F 86 -11.64 10.99 -11.41
C GLN F 86 -12.56 11.88 -10.57
N THR F 87 -12.15 12.23 -9.35
CA THR F 87 -13.04 12.96 -8.46
C THR F 87 -13.29 14.39 -8.96
N ASP F 88 -12.39 14.94 -9.76
CA ASP F 88 -12.60 16.27 -10.41
C ASP F 88 -13.63 16.31 -11.60
N ASP F 89 -14.25 15.18 -11.95
CA ASP F 89 -15.40 15.16 -12.88
C ASP F 89 -16.74 15.49 -12.24
N THR F 90 -16.70 15.79 -10.94
CA THR F 90 -17.84 16.32 -10.21
C THR F 90 -18.19 17.69 -10.74
N ALA F 91 -19.45 17.88 -11.15
CA ALA F 91 -19.87 19.09 -11.86
C ALA F 91 -21.35 19.02 -12.20
N THR F 92 -21.98 20.16 -12.50
CA THR F 92 -23.30 20.10 -13.16
C THR F 92 -23.11 19.92 -14.67
N TYR F 93 -23.83 18.98 -15.28
CA TYR F 93 -23.70 18.67 -16.72
C TYR F 93 -24.91 19.10 -17.55
N TYR F 94 -24.65 19.82 -18.65
CA TYR F 94 -25.71 20.41 -19.48
C TYR F 94 -25.56 19.88 -20.90
N CYS F 95 -26.66 19.43 -21.49
CA CYS F 95 -26.71 19.23 -22.91
C CYS F 95 -27.29 20.52 -23.51
N THR F 96 -26.90 20.82 -24.74
CA THR F 96 -27.31 22.08 -25.36
C THR F 96 -27.33 22.08 -26.91
N LYS F 97 -28.22 22.87 -27.50
CA LYS F 97 -28.37 22.96 -28.98
C LYS F 97 -27.73 24.24 -29.53
N PRO F 98 -26.62 24.10 -30.28
CA PRO F 98 -26.09 25.19 -31.08
C PRO F 98 -27.15 25.78 -32.01
N GLY F 99 -27.22 27.11 -32.07
CA GLY F 99 -28.24 27.82 -32.82
C GLY F 99 -27.63 29.05 -33.47
N SER F 100 -28.18 30.22 -33.21
CA SER F 100 -27.60 31.44 -33.76
C SER F 100 -26.07 31.47 -33.53
N GLY F 101 -25.34 31.88 -34.56
CA GLY F 101 -23.87 31.95 -34.52
C GLY F 101 -23.13 30.72 -34.02
N TYR F 102 -23.80 29.57 -34.05
CA TYR F 102 -23.29 28.33 -33.45
C TYR F 102 -23.06 28.41 -31.92
N ALA F 103 -23.68 29.40 -31.27
CA ALA F 103 -23.61 29.55 -29.83
C ALA F 103 -24.83 28.84 -29.24
N PHE F 104 -24.71 28.44 -27.98
CA PHE F 104 -25.65 27.51 -27.35
C PHE F 104 -26.97 28.23 -26.97
N ALA F 105 -27.96 28.14 -27.85
CA ALA F 105 -29.15 29.01 -27.76
C ALA F 105 -30.14 28.45 -26.76
N TYR F 106 -30.23 27.14 -26.68
CA TYR F 106 -31.15 26.47 -25.78
C TYR F 106 -30.38 25.46 -24.92
N TRP F 107 -30.74 25.40 -23.64
CA TRP F 107 -30.03 24.61 -22.63
C TRP F 107 -30.96 23.73 -21.81
N GLY F 108 -30.52 22.52 -21.53
CA GLY F 108 -31.13 21.75 -20.47
C GLY F 108 -30.96 22.37 -19.07
N GLN F 109 -31.92 22.06 -18.21
CA GLN F 109 -31.93 22.33 -16.76
C GLN F 109 -30.59 22.11 -16.04
N GLY F 110 -29.97 20.99 -16.35
CA GLY F 110 -28.70 20.61 -15.81
C GLY F 110 -28.90 19.54 -14.74
N THR F 111 -28.08 18.50 -14.80
CA THR F 111 -28.10 17.38 -13.86
C THR F 111 -26.80 17.47 -13.06
N LEU F 112 -26.89 17.34 -11.74
CA LEU F 112 -25.70 17.40 -10.87
C LEU F 112 -25.04 16.04 -10.74
N VAL F 113 -23.73 15.95 -10.99
CA VAL F 113 -22.99 14.70 -10.78
C VAL F 113 -21.87 14.86 -9.73
N THR F 114 -21.88 14.00 -8.71
CA THR F 114 -20.86 13.97 -7.65
C THR F 114 -20.17 12.62 -7.75
N VAL F 115 -18.84 12.59 -7.81
CA VAL F 115 -18.12 11.31 -7.86
C VAL F 115 -17.25 11.11 -6.61
N SER F 116 -17.67 10.13 -5.81
CA SER F 116 -17.10 9.88 -4.50
C SER F 116 -17.15 8.37 -4.20
N SER F 117 -16.16 7.88 -3.47
CA SER F 117 -16.30 6.60 -2.78
C SER F 117 -17.41 6.72 -1.71
N ALA F 118 -17.42 7.82 -0.95
CA ALA F 118 -18.36 8.06 0.17
C ALA F 118 -19.82 7.66 -0.08
N SER F 119 -20.46 7.14 0.96
CA SER F 119 -21.81 6.60 0.89
C SER F 119 -22.86 7.67 1.16
N THR F 120 -24.08 7.36 0.79
CA THR F 120 -25.19 8.27 0.84
C THR F 120 -25.65 8.29 2.29
N LYS F 121 -25.89 9.49 2.82
CA LYS F 121 -26.17 9.70 4.24
C LYS F 121 -27.13 10.89 4.37
N GLY F 122 -28.21 10.69 5.13
CA GLY F 122 -29.18 11.73 5.40
C GLY F 122 -28.73 12.72 6.45
N PRO F 123 -29.30 13.92 6.45
CA PRO F 123 -28.85 14.94 7.41
C PRO F 123 -29.31 14.73 8.84
N SER F 124 -28.49 15.17 9.79
CA SER F 124 -29.00 15.52 11.12
C SER F 124 -29.53 16.96 11.12
N VAL F 125 -30.65 17.19 11.80
CA VAL F 125 -31.25 18.53 11.91
C VAL F 125 -31.32 19.03 13.36
N PHE F 126 -30.69 20.18 13.62
CA PHE F 126 -30.63 20.73 14.97
C PHE F 126 -31.22 22.11 14.98
N PRO F 127 -31.95 22.45 16.06
CA PRO F 127 -32.50 23.79 16.15
C PRO F 127 -31.44 24.80 16.55
N LEU F 128 -31.53 25.98 15.95
CA LEU F 128 -30.81 27.16 16.38
C LEU F 128 -31.87 28.01 17.07
N ALA F 129 -31.91 27.96 18.39
CA ALA F 129 -33.08 28.45 19.14
C ALA F 129 -32.98 29.95 19.47
N PRO F 130 -34.11 30.68 19.37
CA PRO F 130 -34.14 32.12 19.62
C PRO F 130 -34.08 32.48 21.10
N SER F 131 -33.26 33.46 21.43
CA SER F 131 -33.30 34.10 22.75
C SER F 131 -32.70 35.51 22.63
N SER F 132 -32.54 36.23 23.76
CA SER F 132 -32.11 37.64 23.71
C SER F 132 -30.59 37.74 23.62
N THR F 135 -32.14 38.62 18.88
CA THR F 135 -33.26 39.52 18.77
C THR F 135 -32.88 40.98 18.65
N SER F 136 -33.30 41.63 17.59
CA SER F 136 -33.03 43.04 17.47
C SER F 136 -34.38 43.64 17.20
N GLY F 137 -34.84 44.52 18.07
CA GLY F 137 -36.15 45.11 17.96
C GLY F 137 -37.15 44.02 18.29
N GLY F 138 -38.31 44.08 17.69
CA GLY F 138 -39.26 43.00 17.88
C GLY F 138 -39.02 41.95 16.80
N THR F 139 -37.76 41.55 16.66
CA THR F 139 -37.27 40.79 15.52
C THR F 139 -36.16 39.82 15.97
N ALA F 140 -36.59 38.64 16.40
CA ALA F 140 -35.68 37.57 16.85
C ALA F 140 -35.40 36.56 15.72
N ALA F 141 -34.13 36.17 15.58
CA ALA F 141 -33.70 35.16 14.61
C ALA F 141 -33.82 33.77 15.22
N LEU F 142 -34.31 32.81 14.42
CA LEU F 142 -34.24 31.39 14.76
C LEU F 142 -33.89 30.65 13.50
N GLY F 143 -33.59 29.36 13.63
CA GLY F 143 -33.06 28.58 12.50
C GLY F 143 -32.97 27.05 12.63
N CYS F 144 -32.37 26.44 11.62
CA CYS F 144 -32.11 25.00 11.55
C CYS F 144 -30.69 24.81 11.09
N LEU F 145 -29.96 23.96 11.80
CA LEU F 145 -28.66 23.49 11.36
C LEU F 145 -28.83 22.11 10.71
N VAL F 146 -28.61 22.04 9.41
CA VAL F 146 -28.71 20.80 8.67
C VAL F 146 -27.29 20.30 8.44
N LYS F 147 -26.88 19.32 9.23
CA LYS F 147 -25.49 18.86 9.29
C LYS F 147 -25.28 17.43 8.77
N ASP F 148 -24.06 17.16 8.30
CA ASP F 148 -23.56 15.82 7.97
C ASP F 148 -24.38 15.02 6.93
N TYR F 149 -24.86 15.67 5.87
CA TYR F 149 -25.51 14.94 4.75
C TYR F 149 -24.57 14.70 3.58
N PHE F 150 -24.96 13.80 2.69
CA PHE F 150 -24.22 13.55 1.44
C PHE F 150 -25.07 12.74 0.46
N PRO F 151 -25.02 12.99 -0.86
CA PRO F 151 -24.37 14.15 -1.51
C PRO F 151 -25.27 15.39 -1.44
N GLU F 152 -24.99 16.44 -2.22
CA GLU F 152 -25.99 17.47 -2.45
C GLU F 152 -27.16 16.93 -3.32
N PRO F 153 -28.36 17.55 -3.27
CA PRO F 153 -28.68 18.72 -2.45
C PRO F 153 -29.73 18.45 -1.37
N VAL F 154 -29.76 19.34 -0.39
CA VAL F 154 -30.91 19.44 0.51
C VAL F 154 -31.66 20.66 0.14
N THR F 155 -32.95 20.60 0.42
CA THR F 155 -33.85 21.70 0.26
C THR F 155 -34.42 21.99 1.66
N VAL F 156 -34.64 23.26 1.99
CA VAL F 156 -35.22 23.68 3.28
C VAL F 156 -36.43 24.66 3.08
N SER F 157 -37.54 24.36 3.74
CA SER F 157 -38.70 25.24 3.81
C SER F 157 -39.11 25.42 5.29
N TRP F 158 -40.00 26.39 5.53
CA TRP F 158 -40.48 26.69 6.86
C TRP F 158 -42.01 26.64 6.91
N ASN F 159 -42.55 25.96 7.90
CA ASN F 159 -44.01 25.76 8.07
C ASN F 159 -44.69 25.26 6.79
N SER F 160 -44.11 24.18 6.28
CA SER F 160 -44.48 23.52 5.02
C SER F 160 -44.59 24.51 3.83
N GLY F 161 -43.70 25.51 3.79
CA GLY F 161 -43.69 26.48 2.69
C GLY F 161 -44.52 27.76 2.88
N ALA F 162 -45.29 27.85 3.97
CA ALA F 162 -46.11 29.03 4.27
C ALA F 162 -45.22 30.25 4.48
N LEU F 163 -44.28 30.10 5.40
CA LEU F 163 -43.38 31.16 5.83
C LEU F 163 -42.18 31.23 4.91
N THR F 164 -42.14 32.28 4.07
CA THR F 164 -41.01 32.56 3.17
C THR F 164 -40.38 33.93 3.35
N SER F 165 -40.97 34.79 4.19
CA SER F 165 -40.43 36.12 4.44
C SER F 165 -39.43 35.98 5.56
N GLY F 166 -38.32 36.70 5.42
CA GLY F 166 -37.27 36.73 6.40
C GLY F 166 -36.33 35.55 6.31
N VAL F 167 -36.63 34.61 5.42
CA VAL F 167 -35.87 33.37 5.31
C VAL F 167 -34.53 33.64 4.60
N HIS F 168 -33.45 33.06 5.14
CA HIS F 168 -32.14 33.05 4.52
C HIS F 168 -31.62 31.62 4.68
N THR F 169 -31.70 30.84 3.60
CA THR F 169 -31.01 29.53 3.52
C THR F 169 -29.61 29.75 2.96
N PHE F 170 -28.59 29.25 3.64
CA PHE F 170 -27.19 29.47 3.20
C PHE F 170 -26.76 28.40 2.20
N PRO F 171 -25.72 28.69 1.38
CA PRO F 171 -25.02 27.66 0.63
C PRO F 171 -24.46 26.57 1.51
N ALA F 172 -24.54 25.34 1.05
CA ALA F 172 -23.85 24.24 1.70
C ALA F 172 -22.32 24.41 1.69
N VAL F 173 -21.63 23.91 2.72
CA VAL F 173 -20.16 23.85 2.75
C VAL F 173 -19.70 22.43 3.07
N LEU F 174 -18.75 21.96 2.27
CA LEU F 174 -18.05 20.71 2.47
C LEU F 174 -17.16 20.86 3.69
N GLN F 175 -17.40 20.05 4.71
CA GLN F 175 -16.57 20.05 5.93
C GLN F 175 -15.33 19.17 5.66
N SER F 176 -14.36 19.15 6.57
CA SER F 176 -13.13 18.38 6.36
C SER F 176 -13.39 16.85 6.39
N SER F 177 -14.55 16.43 6.87
CA SER F 177 -14.96 15.03 6.85
C SER F 177 -15.44 14.48 5.51
N GLY F 178 -15.66 15.34 4.51
CA GLY F 178 -16.27 14.95 3.22
C GLY F 178 -17.81 14.97 3.18
N LEU F 179 -18.42 15.44 4.27
CA LEU F 179 -19.89 15.61 4.35
C LEU F 179 -20.27 17.11 4.34
N TYR F 180 -21.37 17.44 3.67
CA TYR F 180 -21.83 18.82 3.58
C TYR F 180 -22.64 19.24 4.80
N SER F 181 -22.77 20.55 4.97
CA SER F 181 -23.54 21.14 6.06
C SER F 181 -24.02 22.57 5.71
N LEU F 182 -25.06 23.04 6.37
CA LEU F 182 -25.79 24.21 5.91
C LEU F 182 -26.68 24.73 7.02
N SER F 183 -26.93 26.02 7.05
CA SER F 183 -27.85 26.58 8.01
C SER F 183 -28.97 27.28 7.27
N SER F 184 -30.16 27.35 7.88
CA SER F 184 -31.28 28.11 7.33
C SER F 184 -31.85 28.90 8.49
N VAL F 185 -31.95 30.23 8.33
CA VAL F 185 -32.44 31.11 9.40
C VAL F 185 -33.56 31.97 8.88
N VAL F 186 -34.39 32.42 9.81
CA VAL F 186 -35.55 33.22 9.49
C VAL F 186 -35.70 34.16 10.68
N THR F 187 -36.03 35.42 10.41
CA THR F 187 -36.29 36.43 11.47
C THR F 187 -37.80 36.60 11.58
N VAL F 188 -38.30 36.74 12.79
CA VAL F 188 -39.74 36.76 13.03
C VAL F 188 -40.10 37.75 14.15
N PRO F 189 -41.41 38.06 14.32
CA PRO F 189 -41.88 38.85 15.49
C PRO F 189 -41.58 38.23 16.88
N SER F 190 -40.83 38.99 17.69
CA SER F 190 -40.64 38.68 19.13
C SER F 190 -41.98 38.58 19.82
N SER F 191 -42.83 39.59 19.56
CA SER F 191 -44.14 39.69 20.22
C SER F 191 -44.96 38.39 20.22
N SER F 192 -45.01 37.68 19.08
CA SER F 192 -45.84 36.46 18.93
C SER F 192 -45.07 35.14 19.01
N LEU F 193 -43.76 35.20 19.21
CA LEU F 193 -42.94 34.00 19.49
C LEU F 193 -43.49 33.02 20.57
N GLY F 194 -44.34 33.51 21.47
CA GLY F 194 -44.98 32.67 22.49
C GLY F 194 -45.93 31.64 21.97
N THR F 195 -46.73 32.00 20.97
CA THR F 195 -47.80 31.13 20.45
C THR F 195 -47.59 30.58 19.04
N GLN F 196 -46.74 31.24 18.25
CA GLN F 196 -46.40 30.74 16.90
C GLN F 196 -45.52 29.51 17.02
N THR F 197 -45.69 28.57 16.10
CA THR F 197 -44.80 27.43 16.04
C THR F 197 -44.01 27.56 14.73
N TYR F 198 -42.70 27.34 14.83
CA TYR F 198 -41.82 27.37 13.69
C TYR F 198 -41.24 26.00 13.54
N ILE F 199 -41.63 25.32 12.46
CA ILE F 199 -41.08 24.04 12.07
C ILE F 199 -40.25 24.23 10.80
N CYS F 200 -39.09 23.58 10.73
CA CYS F 200 -38.36 23.56 9.47
C CYS F 200 -38.32 22.16 8.82
N ASN F 201 -38.61 22.13 7.51
CA ASN F 201 -38.79 20.90 6.73
C ASN F 201 -37.60 20.68 5.78
N VAL F 202 -36.81 19.66 6.10
CA VAL F 202 -35.58 19.39 5.43
C VAL F 202 -35.78 18.11 4.66
N ASN F 203 -35.81 18.24 3.35
CA ASN F 203 -35.97 17.14 2.42
C ASN F 203 -34.62 16.90 1.70
N HIS F 204 -34.09 15.68 1.81
CA HIS F 204 -32.86 15.26 1.15
C HIS F 204 -33.22 14.13 0.20
N LYS F 205 -33.50 14.45 -1.06
CA LYS F 205 -33.93 13.43 -2.05
C LYS F 205 -33.00 12.21 -2.19
N PRO F 206 -31.67 12.42 -2.29
CA PRO F 206 -30.77 11.28 -2.45
C PRO F 206 -30.73 10.20 -1.33
N SER F 207 -31.31 10.43 -0.16
CA SER F 207 -31.52 9.32 0.79
C SER F 207 -33.00 9.08 1.17
N ASN F 208 -33.94 9.60 0.37
CA ASN F 208 -35.39 9.56 0.68
C ASN F 208 -35.74 10.11 2.07
N THR F 209 -34.90 10.96 2.66
CA THR F 209 -35.10 11.44 4.04
C THR F 209 -35.90 12.73 4.03
N LYS F 210 -36.98 12.78 4.83
CA LYS F 210 -37.69 14.03 5.15
C LYS F 210 -37.66 14.20 6.65
N VAL F 211 -37.22 15.36 7.12
CA VAL F 211 -37.21 15.63 8.55
C VAL F 211 -37.93 16.92 8.79
N ASP F 212 -38.66 17.00 9.90
CA ASP F 212 -39.23 18.27 10.39
C ASP F 212 -38.64 18.52 11.76
N LYS F 213 -38.24 19.75 12.04
CA LYS F 213 -37.69 20.05 13.34
C LYS F 213 -38.28 21.32 13.88
N LYS F 214 -38.93 21.16 15.03
CA LYS F 214 -39.61 22.24 15.69
C LYS F 214 -38.54 23.03 16.36
N VAL F 215 -38.66 24.34 16.32
CA VAL F 215 -37.63 25.24 16.83
C VAL F 215 -38.26 26.18 17.86
N GLU F 216 -37.78 26.13 19.11
CA GLU F 216 -38.34 26.95 20.17
C GLU F 216 -37.27 27.36 21.19
N PRO F 217 -37.54 28.41 22.01
CA PRO F 217 -36.57 28.90 23.03
C PRO F 217 -36.10 27.90 24.10
N ALA F 218 -34.84 28.04 24.54
CA ALA F 218 -34.24 27.20 25.61
C ALA F 218 -34.30 27.96 26.94
#